data_6VRN
#
_entry.id   6VRN
#
_cell.length_a   44.242
_cell.length_b   87.439
_cell.length_c   245.867
_cell.angle_alpha   90.000
_cell.angle_beta   90.000
_cell.angle_gamma   90.000
#
_symmetry.space_group_name_H-M   'P 21 21 21'
#
loop_
_entity.id
_entity.type
_entity.pdbx_description
1 polymer 'MHC class I antigen'
2 polymer Beta-2-microglobulin
3 polymer 'T-cell receptor 38-10, alfa chain'
4 polymer 'TCR repeptor 38-10, beta chain'
5 polymer 'Cellular tumor antigen p53 peptide'
6 water water
#
loop_
_entity_poly.entity_id
_entity_poly.type
_entity_poly.pdbx_seq_one_letter_code
_entity_poly.pdbx_strand_id
1 'polypeptide(L)'
;MGSHSMRYFFTSVSRPGRGEPRFIAVGYVDDTQFVRFDSDAASQRMEPRAPWIEQEGPEYWDGETRKVKAHSQTHRVDLG
TLRGYYNQSEAGSHTVQRMYGCDVGSDWRFLRGYHQYAYDGKDYIALKEDLRSWTAADMAAQTTKHKWEAAHVAEQLRAY
LEGTCVEWLRRYLENGKETLQRTDAPKTHMTHHAVSDHEATLRCWALSFYPAEITLTWQRDGEDQTQDTELVETRPAGDG
TFQKWAAVVVPSGQEQRYTCHVQHEGLPKPLTLRWEGGGLNDIFEAQKIEWHE
;
A
2 'polypeptide(L)'
;MIQRTPKIQVYSRHPAENGKSNFLNCYVSGFHPSDIEVDLLKNGERIEKVEHSDLSFSKDWSFYLLYYTEFTPTEKDEYA
CRVNHVTLSQPKIVKWDRDM
;
B
3 'polypeptide(L)'
;MAQTVTQSQPEMSVQEAETVTLSCTYDTSENNYYLFWYKQPPSRQMILVIRQEAYKQQNATENRFSVNFQKAAKSFSLKI
SDSQLGDTAMYFCAFMGYSGAGSYQLTFGKGTKLSVIPNIQNPDPAVYQLRDSKSSDKSVCLFTDFDSQTNVSQSKDSDV
YITDKCVLDMRSMDFKSNSAVAWSNKSDFACANAFNNSIIPEDTFFPSPESS
;
D
4 'polypeptide(L)'
;MDAGITQSPRHKVTETGTPVTLRCHQTENHRYMYWYRQDPGHGLRLIHYSYGVKDTDKGEVSDGYSVSRSKTEDFLLTLE
SATSSQTSVYFCAISELVTGDSPLHFGNGTRLTVTEDLKNVFPPEVAVFEPSEAEISHTQKATLVCLATGFYPDHVELSW
WVNGKEVHSGVCTDPQPLKEQPALNDSRYALSSRLRVSATFWQNPRNHFRCQVQFYGLSENDEWTQDRAKPVTQIVSAEA
WGRAD
;
E
5 'polypeptide(L)' HMTEVVRHC P
#
# COMPACT_ATOMS: atom_id res chain seq x y z
N GLY A 2 27.58 -16.05 -28.27
CA GLY A 2 27.54 -16.94 -27.07
C GLY A 2 26.24 -16.65 -26.31
N SER A 3 26.09 -17.22 -25.12
CA SER A 3 24.89 -17.01 -24.32
C SER A 3 24.95 -15.64 -23.65
N HIS A 4 23.79 -15.16 -23.25
CA HIS A 4 23.74 -13.86 -22.62
C HIS A 4 22.74 -13.94 -21.49
N SER A 5 22.84 -12.95 -20.60
CA SER A 5 21.91 -12.89 -19.48
C SER A 5 21.62 -11.43 -19.17
N MET A 6 20.44 -11.19 -18.56
CA MET A 6 20.06 -9.94 -17.91
C MET A 6 19.70 -10.24 -16.46
N ARG A 7 20.36 -9.57 -15.49
CA ARG A 7 20.15 -9.90 -14.11
C ARG A 7 20.03 -8.62 -13.32
N TYR A 8 19.05 -8.56 -12.39
CA TYR A 8 18.96 -7.47 -11.44
C TYR A 8 19.23 -7.97 -10.02
N PHE A 9 19.87 -7.11 -9.20
CA PHE A 9 20.31 -7.54 -7.88
C PHE A 9 19.86 -6.48 -6.89
N PHE A 10 19.23 -6.92 -5.80
CA PHE A 10 18.74 -5.95 -4.84
C PHE A 10 19.21 -6.29 -3.43
N THR A 11 19.72 -5.26 -2.72
CA THR A 11 20.24 -5.45 -1.38
C THR A 11 19.61 -4.42 -0.47
N SER A 12 19.07 -4.93 0.63
CA SER A 12 18.30 -4.21 1.61
C SER A 12 18.93 -4.52 2.98
N VAL A 13 19.38 -3.47 3.68
CA VAL A 13 20.08 -3.65 4.93
C VAL A 13 19.45 -2.77 5.99
N SER A 14 18.88 -3.40 7.03
CA SER A 14 18.23 -2.63 8.06
C SER A 14 19.29 -1.94 8.90
N ARG A 15 18.98 -0.74 9.41
CA ARG A 15 19.89 -0.04 10.30
C ARG A 15 19.12 0.41 11.54
N PRO A 16 19.01 -0.45 12.58
CA PRO A 16 18.29 -0.09 13.80
C PRO A 16 18.74 1.25 14.39
N GLY A 17 17.76 2.07 14.78
CA GLY A 17 18.04 3.34 15.41
C GLY A 17 18.42 4.44 14.41
N ARG A 18 18.41 4.12 13.10
CA ARG A 18 18.84 5.11 12.13
C ARG A 18 17.77 5.42 11.10
N GLY A 19 16.60 4.77 11.19
CA GLY A 19 15.56 4.97 10.17
C GLY A 19 15.63 3.96 9.02
N GLU A 20 15.41 4.42 7.78
CA GLU A 20 15.15 3.57 6.63
C GLU A 20 16.33 2.62 6.34
N PRO A 21 16.07 1.40 5.84
CA PRO A 21 17.17 0.51 5.52
C PRO A 21 17.88 1.05 4.29
N ARG A 22 19.14 0.70 4.14
CA ARG A 22 19.88 0.95 2.92
C ARG A 22 19.27 0.07 1.83
N PHE A 23 19.04 0.65 0.66
CA PHE A 23 18.57 -0.16 -0.43
C PHE A 23 19.43 0.15 -1.64
N ILE A 24 20.00 -0.91 -2.24
CA ILE A 24 20.80 -0.71 -3.43
C ILE A 24 20.30 -1.66 -4.52
N ALA A 25 20.12 -1.13 -5.74
CA ALA A 25 19.77 -1.98 -6.85
C ALA A 25 20.76 -1.76 -8.01
N VAL A 26 21.16 -2.84 -8.67
CA VAL A 26 22.00 -2.72 -9.87
C VAL A 26 21.50 -3.75 -10.89
N GLY A 27 21.66 -3.40 -12.18
CA GLY A 27 21.16 -4.20 -13.29
C GLY A 27 22.33 -4.45 -14.23
N TYR A 28 22.43 -5.71 -14.70
CA TYR A 28 23.56 -6.18 -15.48
C TYR A 28 23.04 -6.83 -16.77
N VAL A 29 23.85 -6.68 -17.84
CA VAL A 29 23.71 -7.46 -19.04
C VAL A 29 25.01 -8.23 -19.16
N ASP A 30 24.92 -9.56 -18.98
CA ASP A 30 26.14 -10.33 -18.75
C ASP A 30 26.95 -9.67 -17.63
N ASP A 31 28.17 -9.19 -17.93
CA ASP A 31 29.00 -8.63 -16.87
C ASP A 31 29.15 -7.11 -16.95
N THR A 32 28.26 -6.42 -17.64
CA THR A 32 28.28 -4.98 -17.74
C THR A 32 27.06 -4.45 -17.00
N GLN A 33 27.31 -3.71 -15.93
CA GLN A 33 26.27 -2.99 -15.19
C GLN A 33 25.75 -1.86 -16.07
N PHE A 34 24.44 -1.63 -16.10
CA PHE A 34 23.97 -0.53 -16.91
C PHE A 34 22.98 0.36 -16.15
N VAL A 35 22.47 -0.10 -14.99
CA VAL A 35 21.64 0.82 -14.20
C VAL A 35 21.92 0.61 -12.71
N ARG A 36 21.51 1.61 -11.92
CA ARG A 36 21.62 1.53 -10.49
C ARG A 36 20.67 2.48 -9.80
N PHE A 37 20.32 2.11 -8.56
CA PHE A 37 19.59 2.95 -7.64
C PHE A 37 20.21 2.78 -6.25
N ASP A 38 20.35 3.90 -5.56
CA ASP A 38 20.88 3.90 -4.20
C ASP A 38 19.94 4.71 -3.30
N SER A 39 19.38 4.08 -2.28
CA SER A 39 18.46 4.74 -1.38
C SER A 39 19.10 6.01 -0.78
N ASP A 40 20.43 6.09 -0.80
CA ASP A 40 21.14 7.15 -0.09
C ASP A 40 21.54 8.26 -1.06
N ALA A 41 21.35 8.08 -2.36
CA ALA A 41 21.73 9.17 -3.24
C ALA A 41 20.54 10.12 -3.38
N ALA A 42 20.85 11.34 -3.82
CA ALA A 42 19.88 12.41 -3.72
C ALA A 42 18.81 12.33 -4.81
N SER A 43 19.13 11.67 -5.95
CA SER A 43 18.21 11.71 -7.09
C SER A 43 16.91 10.93 -6.80
N GLN A 44 17.02 9.80 -6.08
CA GLN A 44 15.90 8.89 -5.94
C GLN A 44 15.33 8.49 -7.31
N ARG A 45 16.23 8.21 -8.26
CA ARG A 45 15.88 7.79 -9.61
C ARG A 45 16.75 6.62 -10.00
N MET A 46 16.23 5.73 -10.85
CA MET A 46 17.08 4.72 -11.47
C MET A 46 18.08 5.47 -12.32
N GLU A 47 19.38 5.21 -12.15
CA GLU A 47 20.40 6.00 -12.85
C GLU A 47 21.09 5.14 -13.89
N PRO A 48 21.50 5.75 -15.04
CA PRO A 48 22.27 5.00 -16.05
C PRO A 48 23.69 4.72 -15.60
N ARG A 49 24.29 3.63 -16.09
CA ARG A 49 25.67 3.31 -15.75
C ARG A 49 26.42 2.82 -16.99
N ALA A 50 25.75 2.78 -18.14
CA ALA A 50 26.42 2.34 -19.35
C ALA A 50 25.91 3.21 -20.50
N PRO A 51 26.76 3.67 -21.47
CA PRO A 51 26.34 4.57 -22.55
C PRO A 51 25.07 4.26 -23.35
N TRP A 52 24.86 2.98 -23.67
CA TRP A 52 23.76 2.53 -24.52
C TRP A 52 22.39 2.52 -23.82
N ILE A 53 22.34 2.64 -22.49
CA ILE A 53 21.01 2.65 -21.92
C ILE A 53 20.47 4.09 -21.92
N GLU A 54 21.40 5.04 -22.07
CA GLU A 54 21.07 6.46 -22.15
C GLU A 54 20.12 6.79 -23.31
N GLN A 55 20.00 5.94 -24.32
CA GLN A 55 19.12 6.23 -25.45
C GLN A 55 17.66 6.17 -25.00
N GLU A 56 17.32 5.35 -23.98
CA GLU A 56 15.93 5.27 -23.51
C GLU A 56 15.42 6.65 -23.07
N GLY A 57 14.19 6.95 -23.44
CA GLY A 57 13.66 8.26 -23.10
C GLY A 57 12.81 8.24 -21.82
N PRO A 58 12.08 9.33 -21.55
CA PRO A 58 11.47 9.53 -20.22
C PRO A 58 10.60 8.41 -19.69
N GLU A 59 9.78 7.79 -20.53
CA GLU A 59 8.82 6.81 -20.04
C GLU A 59 9.58 5.58 -19.51
N TYR A 60 10.76 5.29 -20.08
CA TYR A 60 11.50 4.14 -19.62
C TYR A 60 12.03 4.40 -18.22
N TRP A 61 12.60 5.61 -18.06
CA TRP A 61 13.19 6.03 -16.80
C TRP A 61 12.13 6.19 -15.71
N ASP A 62 10.97 6.76 -16.02
CA ASP A 62 9.93 7.00 -15.02
C ASP A 62 9.42 5.64 -14.56
N GLY A 63 9.31 4.70 -15.52
CA GLY A 63 8.87 3.34 -15.23
C GLY A 63 9.78 2.53 -14.27
N GLU A 64 11.07 2.51 -14.65
CA GLU A 64 12.07 1.77 -13.88
C GLU A 64 12.21 2.43 -12.50
N THR A 65 12.09 3.74 -12.42
CA THR A 65 12.13 4.38 -11.10
C THR A 65 10.92 3.96 -10.25
N ARG A 66 9.73 3.91 -10.87
CA ARG A 66 8.55 3.46 -10.17
C ARG A 66 8.75 2.03 -9.66
N LYS A 67 9.29 1.19 -10.55
CA LYS A 67 9.45 -0.21 -10.24
C LYS A 67 10.48 -0.39 -9.12
N VAL A 68 11.62 0.30 -9.26
CA VAL A 68 12.69 0.10 -8.31
C VAL A 68 12.21 0.56 -6.93
N LYS A 69 11.37 1.58 -6.90
CA LYS A 69 10.83 2.04 -5.64
C LYS A 69 9.87 1.02 -5.06
N ALA A 70 9.07 0.39 -5.93
CA ALA A 70 8.21 -0.71 -5.52
C ALA A 70 9.04 -1.83 -4.87
N HIS A 71 10.23 -2.12 -5.41
CA HIS A 71 11.10 -3.13 -4.78
C HIS A 71 11.56 -2.65 -3.41
N SER A 72 11.94 -1.37 -3.34
CA SER A 72 12.51 -0.75 -2.15
C SER A 72 11.52 -0.89 -1.00
N GLN A 73 10.25 -0.56 -1.30
CA GLN A 73 9.18 -0.52 -0.32
C GLN A 73 8.83 -1.94 0.15
N THR A 74 8.85 -2.89 -0.79
CA THR A 74 8.54 -4.26 -0.51
C THR A 74 9.59 -4.84 0.44
N HIS A 75 10.87 -4.56 0.13
CA HIS A 75 11.95 -5.02 0.99
C HIS A 75 11.83 -4.41 2.37
N ARG A 76 11.46 -3.15 2.41
CA ARG A 76 11.44 -2.39 3.66
C ARG A 76 10.47 -3.06 4.62
N VAL A 77 9.35 -3.53 4.07
CA VAL A 77 8.34 -4.20 4.87
C VAL A 77 8.88 -5.59 5.22
N ASP A 78 9.55 -6.23 4.24
CA ASP A 78 9.93 -7.62 4.34
C ASP A 78 10.88 -7.81 5.52
N LEU A 79 11.76 -6.81 5.78
CA LEU A 79 12.73 -6.89 6.86
C LEU A 79 11.96 -7.01 8.17
N GLY A 80 10.88 -6.21 8.30
CA GLY A 80 10.05 -6.22 9.51
C GLY A 80 9.33 -7.56 9.58
N THR A 81 8.84 -8.03 8.42
CA THR A 81 8.03 -9.24 8.45
C THR A 81 8.89 -10.44 8.86
N LEU A 82 10.11 -10.50 8.32
CA LEU A 82 11.00 -11.63 8.50
C LEU A 82 11.47 -11.65 9.95
N ARG A 83 11.79 -10.49 10.52
CA ARG A 83 12.12 -10.44 11.93
C ARG A 83 11.02 -11.13 12.76
N GLY A 84 9.75 -10.81 12.49
CA GLY A 84 8.64 -11.48 13.14
C GLY A 84 8.60 -12.96 12.84
N TYR A 85 8.72 -13.35 11.59
CA TYR A 85 8.74 -14.77 11.28
C TYR A 85 9.74 -15.53 12.14
N TYR A 86 10.86 -14.89 12.52
CA TYR A 86 11.90 -15.62 13.23
C TYR A 86 12.02 -15.19 14.68
N ASN A 87 11.06 -14.39 15.18
CA ASN A 87 11.01 -13.92 16.55
C ASN A 87 12.39 -13.38 16.90
N GLN A 88 12.99 -12.60 15.99
CA GLN A 88 14.25 -11.94 16.26
C GLN A 88 13.92 -10.57 16.83
N SER A 89 14.89 -9.95 17.51
CA SER A 89 14.64 -8.64 18.12
C SER A 89 14.92 -7.51 17.13
N GLU A 90 14.47 -6.31 17.51
CA GLU A 90 14.69 -5.06 16.80
C GLU A 90 16.14 -4.58 16.93
N ALA A 91 16.99 -5.34 17.59
CA ALA A 91 18.33 -4.89 17.93
C ALA A 91 19.30 -5.01 16.74
N GLY A 92 19.30 -6.14 16.05
CA GLY A 92 20.38 -6.37 15.07
C GLY A 92 20.05 -5.97 13.64
N SER A 93 21.07 -5.62 12.87
CA SER A 93 20.94 -5.39 11.43
C SER A 93 20.72 -6.69 10.65
N HIS A 94 19.79 -6.73 9.67
CA HIS A 94 19.61 -7.92 8.85
C HIS A 94 19.60 -7.49 7.40
N THR A 95 19.71 -8.49 6.50
CA THR A 95 19.91 -8.30 5.08
C THR A 95 18.87 -9.12 4.33
N VAL A 96 18.20 -8.47 3.37
CA VAL A 96 17.42 -9.19 2.39
C VAL A 96 18.09 -9.02 1.02
N GLN A 97 18.18 -10.13 0.27
CA GLN A 97 18.75 -9.98 -1.07
C GLN A 97 17.80 -10.59 -2.10
N ARG A 98 17.65 -9.93 -3.24
CA ARG A 98 16.86 -10.54 -4.31
C ARG A 98 17.67 -10.52 -5.61
N MET A 99 17.50 -11.58 -6.40
CA MET A 99 18.15 -11.65 -7.70
C MET A 99 17.19 -12.40 -8.64
N TYR A 100 16.96 -11.78 -9.79
CA TYR A 100 16.16 -12.42 -10.83
C TYR A 100 16.71 -12.01 -12.18
N GLY A 101 16.35 -12.79 -13.20
CA GLY A 101 16.79 -12.49 -14.55
C GLY A 101 16.52 -13.64 -15.49
N CYS A 102 16.92 -13.49 -16.74
CA CYS A 102 16.72 -14.51 -17.75
C CYS A 102 18.04 -14.69 -18.51
N ASP A 103 18.23 -15.92 -19.03
CA ASP A 103 19.36 -16.29 -19.86
C ASP A 103 18.82 -16.63 -21.25
N VAL A 104 19.59 -16.26 -22.28
CA VAL A 104 19.29 -16.68 -23.65
C VAL A 104 20.55 -17.32 -24.26
N GLY A 105 20.35 -18.16 -25.30
CA GLY A 105 21.43 -18.87 -25.97
C GLY A 105 22.09 -18.03 -27.06
N SER A 106 22.88 -18.67 -27.94
CA SER A 106 23.51 -18.02 -29.07
C SER A 106 22.46 -17.49 -30.06
N ASP A 107 21.32 -18.15 -30.13
CA ASP A 107 20.22 -17.69 -30.95
C ASP A 107 19.41 -16.55 -30.28
N TRP A 108 19.82 -16.08 -29.11
CA TRP A 108 19.11 -15.05 -28.35
C TRP A 108 17.70 -15.50 -27.95
N ARG A 109 17.42 -16.80 -28.04
CA ARG A 109 16.14 -17.34 -27.64
C ARG A 109 16.18 -17.77 -26.17
N PHE A 110 15.03 -17.66 -25.48
CA PHE A 110 14.92 -17.87 -24.05
C PHE A 110 15.48 -19.22 -23.66
N LEU A 111 16.40 -19.27 -22.70
CA LEU A 111 16.96 -20.52 -22.22
C LEU A 111 16.37 -20.88 -20.86
N ARG A 112 16.38 -19.91 -19.93
CA ARG A 112 16.00 -20.18 -18.56
C ARG A 112 15.65 -18.86 -17.85
N GLY A 113 14.85 -18.94 -16.79
CA GLY A 113 14.67 -17.80 -15.91
C GLY A 113 14.85 -18.15 -14.44
N TYR A 114 15.05 -17.16 -13.58
CA TYR A 114 15.25 -17.43 -12.17
C TYR A 114 14.80 -16.22 -11.36
N HIS A 115 14.43 -16.52 -10.13
CA HIS A 115 14.07 -15.52 -9.13
C HIS A 115 14.27 -16.12 -7.75
N GLN A 116 15.28 -15.61 -7.06
CA GLN A 116 15.55 -16.12 -5.74
C GLN A 116 15.76 -14.96 -4.81
N TYR A 117 15.57 -15.28 -3.53
CA TYR A 117 15.46 -14.33 -2.45
C TYR A 117 16.17 -14.93 -1.25
N ALA A 118 16.93 -14.11 -0.54
CA ALA A 118 17.68 -14.60 0.59
C ALA A 118 17.56 -13.58 1.72
N TYR A 119 17.50 -14.09 2.94
CA TYR A 119 17.59 -13.33 4.17
C TYR A 119 18.85 -13.72 4.93
N ASP A 120 19.66 -12.71 5.28
CA ASP A 120 20.86 -12.86 6.07
C ASP A 120 21.82 -13.80 5.33
N GLY A 121 21.85 -13.68 4.01
CA GLY A 121 22.88 -14.35 3.25
C GLY A 121 22.54 -15.81 2.95
N LYS A 122 21.37 -16.28 3.38
CA LYS A 122 20.93 -17.66 3.19
C LYS A 122 19.64 -17.69 2.35
N ASP A 123 19.60 -18.63 1.39
CA ASP A 123 18.43 -18.98 0.62
C ASP A 123 17.21 -18.99 1.54
N TYR A 124 16.20 -18.20 1.14
CA TYR A 124 14.90 -18.14 1.79
C TYR A 124 13.82 -18.78 0.91
N ILE A 125 13.65 -18.29 -0.33
CA ILE A 125 12.66 -18.86 -1.21
C ILE A 125 13.09 -18.56 -2.63
N ALA A 126 12.68 -19.43 -3.52
CA ALA A 126 13.18 -19.41 -4.86
C ALA A 126 12.14 -20.02 -5.81
N LEU A 127 11.99 -19.40 -6.98
CA LEU A 127 11.21 -20.00 -8.05
C LEU A 127 11.96 -21.24 -8.53
N LYS A 128 11.24 -22.34 -8.76
CA LYS A 128 11.80 -23.53 -9.35
C LYS A 128 12.20 -23.30 -10.81
N GLU A 129 13.02 -24.19 -11.36
CA GLU A 129 13.51 -24.14 -12.74
C GLU A 129 12.39 -23.84 -13.73
N ASP A 130 11.21 -24.44 -13.53
CA ASP A 130 10.19 -24.35 -14.54
C ASP A 130 9.25 -23.15 -14.28
N LEU A 131 9.54 -22.32 -13.28
CA LEU A 131 8.88 -21.04 -13.08
C LEU A 131 7.41 -21.21 -12.72
N ARG A 132 7.04 -22.32 -12.08
CA ARG A 132 5.66 -22.63 -11.84
C ARG A 132 5.39 -22.79 -10.34
N SER A 133 6.44 -22.93 -9.52
CA SER A 133 6.25 -23.17 -8.10
C SER A 133 7.49 -22.71 -7.33
N TRP A 134 7.35 -22.55 -5.99
CA TRP A 134 8.44 -22.16 -5.09
C TRP A 134 9.02 -23.33 -4.29
N THR A 135 10.28 -23.16 -3.88
CA THR A 135 10.98 -24.07 -3.00
C THR A 135 11.17 -23.31 -1.71
N ALA A 136 10.49 -23.76 -0.67
CA ALA A 136 10.56 -23.04 0.59
C ALA A 136 10.93 -24.06 1.68
N ALA A 137 12.15 -23.96 2.23
CA ALA A 137 12.75 -25.00 3.10
C ALA A 137 12.22 -24.84 4.52
N ASP A 138 12.21 -23.62 5.02
CA ASP A 138 11.74 -23.23 6.33
C ASP A 138 10.22 -23.26 6.43
N MET A 139 9.71 -22.95 7.63
CA MET A 139 8.29 -22.67 7.87
C MET A 139 7.97 -21.24 7.45
N ALA A 140 8.88 -20.29 7.71
CA ALA A 140 8.63 -18.91 7.33
C ALA A 140 8.42 -18.81 5.82
N ALA A 141 9.24 -19.51 5.05
CA ALA A 141 9.21 -19.41 3.62
C ALA A 141 7.94 -20.09 3.14
N GLN A 142 7.46 -21.06 3.92
CA GLN A 142 6.24 -21.76 3.55
C GLN A 142 5.07 -20.78 3.61
N THR A 143 5.07 -19.90 4.63
CA THR A 143 4.08 -18.85 4.85
C THR A 143 4.12 -17.90 3.65
N THR A 144 5.32 -17.48 3.25
CA THR A 144 5.50 -16.59 2.12
C THR A 144 4.96 -17.26 0.87
N LYS A 145 5.29 -18.54 0.73
CA LYS A 145 4.92 -19.29 -0.46
C LYS A 145 3.41 -19.24 -0.66
N HIS A 146 2.65 -19.35 0.45
CA HIS A 146 1.20 -19.35 0.32
C HIS A 146 0.71 -17.96 -0.10
N LYS A 147 1.28 -16.91 0.50
CA LYS A 147 0.91 -15.55 0.12
C LYS A 147 1.17 -15.30 -1.37
N TRP A 148 2.34 -15.73 -1.87
CA TRP A 148 2.70 -15.44 -3.26
C TRP A 148 1.85 -16.26 -4.24
N GLU A 149 1.44 -17.47 -3.82
CA GLU A 149 0.46 -18.26 -4.56
C GLU A 149 -0.89 -17.53 -4.68
N ALA A 150 -1.36 -16.99 -3.57
CA ALA A 150 -2.64 -16.27 -3.54
C ALA A 150 -2.61 -15.07 -4.49
N ALA A 151 -1.47 -14.42 -4.70
CA ALA A 151 -1.38 -13.21 -5.51
C ALA A 151 -0.82 -13.51 -6.90
N HIS A 152 -0.86 -14.80 -7.31
CA HIS A 152 -0.45 -15.27 -8.64
C HIS A 152 0.92 -14.70 -9.00
N VAL A 153 1.84 -14.65 -8.01
CA VAL A 153 3.18 -14.14 -8.23
C VAL A 153 3.91 -15.00 -9.29
N ALA A 154 3.83 -16.33 -9.18
CA ALA A 154 4.66 -17.14 -10.06
C ALA A 154 4.12 -17.06 -11.49
N GLU A 155 2.80 -17.11 -11.62
CA GLU A 155 2.18 -16.96 -12.94
C GLU A 155 2.66 -15.66 -13.60
N GLN A 156 2.67 -14.54 -12.86
CA GLN A 156 2.98 -13.27 -13.48
C GLN A 156 4.49 -13.11 -13.67
N LEU A 157 5.28 -13.58 -12.69
CA LEU A 157 6.74 -13.60 -12.84
C LEU A 157 7.12 -14.41 -14.07
N ARG A 158 6.51 -15.60 -14.25
CA ARG A 158 6.88 -16.45 -15.35
C ARG A 158 6.65 -15.73 -16.69
N ALA A 159 5.52 -15.03 -16.80
CA ALA A 159 5.19 -14.27 -18.02
C ALA A 159 6.29 -13.23 -18.28
N TYR A 160 6.68 -12.51 -17.22
CA TYR A 160 7.79 -11.58 -17.32
C TYR A 160 9.10 -12.24 -17.78
N LEU A 161 9.51 -13.28 -17.04
CA LEU A 161 10.81 -13.90 -17.24
C LEU A 161 10.90 -14.50 -18.65
N GLU A 162 9.77 -15.01 -19.20
CA GLU A 162 9.73 -15.72 -20.49
C GLU A 162 9.62 -14.72 -21.64
N GLY A 163 9.03 -13.54 -21.38
CA GLY A 163 8.74 -12.57 -22.42
C GLY A 163 9.55 -11.28 -22.25
N THR A 164 9.04 -10.42 -21.41
CA THR A 164 9.58 -9.09 -21.20
C THR A 164 11.06 -9.18 -20.88
N CYS A 165 11.46 -10.13 -20.05
CA CYS A 165 12.86 -10.18 -19.65
C CYS A 165 13.75 -10.43 -20.88
N VAL A 166 13.32 -11.32 -21.77
CA VAL A 166 14.20 -11.65 -22.87
C VAL A 166 14.06 -10.59 -23.98
N GLU A 167 12.89 -9.99 -24.10
CA GLU A 167 12.65 -9.07 -25.20
C GLU A 167 13.54 -7.84 -25.01
N TRP A 168 13.61 -7.37 -23.76
CA TRP A 168 14.46 -6.24 -23.46
C TRP A 168 15.93 -6.62 -23.42
N LEU A 169 16.26 -7.90 -23.19
CA LEU A 169 17.69 -8.24 -23.23
C LEU A 169 18.18 -8.18 -24.68
N ARG A 170 17.33 -8.66 -25.59
CA ARG A 170 17.52 -8.66 -27.03
C ARG A 170 17.69 -7.23 -27.50
N ARG A 171 16.88 -6.35 -26.92
CA ARG A 171 16.91 -4.94 -27.27
C ARG A 171 18.22 -4.33 -26.77
N TYR A 172 18.65 -4.72 -25.56
CA TYR A 172 19.86 -4.12 -24.99
C TYR A 172 21.06 -4.57 -25.79
N LEU A 173 21.01 -5.85 -26.19
CA LEU A 173 22.16 -6.43 -26.87
C LEU A 173 22.33 -5.74 -28.23
N GLU A 174 21.22 -5.29 -28.81
CA GLU A 174 21.26 -4.58 -30.09
C GLU A 174 21.77 -3.15 -29.90
N ASN A 175 21.23 -2.48 -28.87
CA ASN A 175 21.48 -1.07 -28.70
C ASN A 175 22.92 -0.84 -28.27
N GLY A 176 23.55 -1.84 -27.64
CA GLY A 176 24.91 -1.68 -27.18
C GLY A 176 25.85 -2.72 -27.78
N LYS A 177 25.69 -3.05 -29.09
CA LYS A 177 26.37 -4.18 -29.72
C LYS A 177 27.90 -4.06 -29.74
N GLU A 178 28.44 -2.83 -29.77
CA GLU A 178 29.87 -2.58 -29.72
C GLU A 178 30.40 -2.95 -28.33
N THR A 179 29.81 -2.39 -27.25
CA THR A 179 30.06 -2.75 -25.85
C THR A 179 29.83 -4.26 -25.66
N LEU A 180 28.58 -4.72 -25.86
CA LEU A 180 28.10 -5.91 -25.19
C LEU A 180 28.46 -7.16 -25.97
N GLN A 181 28.56 -7.02 -27.30
CA GLN A 181 28.74 -8.20 -28.14
C GLN A 181 30.22 -8.45 -28.43
N ARG A 182 31.12 -7.66 -27.86
CA ARG A 182 32.54 -7.88 -28.08
C ARG A 182 33.02 -9.11 -27.31
N THR A 183 34.04 -9.77 -27.87
CA THR A 183 34.81 -10.78 -27.15
C THR A 183 36.29 -10.38 -27.10
N ASP A 184 36.75 -10.00 -25.91
CA ASP A 184 38.16 -9.66 -25.73
C ASP A 184 38.86 -10.89 -25.17
N ALA A 185 39.81 -11.43 -25.97
CA ALA A 185 40.55 -12.63 -25.61
C ALA A 185 41.57 -12.33 -24.52
N PRO A 186 41.83 -13.28 -23.59
CA PRO A 186 42.84 -13.07 -22.55
C PRO A 186 44.24 -12.76 -23.09
N LYS A 187 44.88 -11.73 -22.53
CA LYS A 187 46.32 -11.57 -22.61
C LYS A 187 46.98 -12.34 -21.44
N THR A 188 47.89 -13.26 -21.80
CA THR A 188 48.45 -14.25 -20.88
C THR A 188 49.97 -14.12 -20.73
N HIS A 189 50.44 -14.48 -19.55
CA HIS A 189 51.84 -14.51 -19.19
C HIS A 189 52.00 -15.34 -17.92
N MET A 190 53.25 -15.68 -17.62
CA MET A 190 53.55 -16.48 -16.43
C MET A 190 54.66 -15.77 -15.66
N THR A 191 54.51 -15.72 -14.33
CA THR A 191 55.60 -15.28 -13.45
C THR A 191 56.11 -16.46 -12.62
N HIS A 192 57.26 -16.24 -11.98
CA HIS A 192 58.02 -17.28 -11.32
C HIS A 192 58.75 -16.65 -10.13
N HIS A 193 58.51 -17.14 -8.91
CA HIS A 193 59.22 -16.67 -7.73
C HIS A 193 59.61 -17.85 -6.83
N ALA A 194 60.89 -17.94 -6.49
CA ALA A 194 61.38 -19.04 -5.68
C ALA A 194 60.83 -18.92 -4.27
N VAL A 195 60.20 -20.00 -3.78
CA VAL A 195 59.62 -20.03 -2.44
C VAL A 195 60.72 -20.33 -1.42
N SER A 196 61.40 -21.48 -1.56
CA SER A 196 62.47 -21.89 -0.67
C SER A 196 63.65 -22.40 -1.49
N ASP A 197 64.46 -23.27 -0.89
CA ASP A 197 65.61 -23.85 -1.59
C ASP A 197 65.13 -24.82 -2.67
N HIS A 198 63.92 -25.36 -2.47
CA HIS A 198 63.47 -26.58 -3.12
C HIS A 198 62.09 -26.39 -3.77
N GLU A 199 61.43 -25.24 -3.50
CA GLU A 199 60.13 -24.92 -4.13
C GLU A 199 60.13 -23.56 -4.85
N ALA A 200 59.26 -23.45 -5.86
CA ALA A 200 59.03 -22.21 -6.59
C ALA A 200 57.54 -22.08 -6.87
N THR A 201 57.07 -20.82 -6.99
CA THR A 201 55.68 -20.54 -7.34
C THR A 201 55.62 -20.26 -8.83
N LEU A 202 54.76 -20.99 -9.52
CA LEU A 202 54.41 -20.63 -10.89
C LEU A 202 53.02 -19.97 -10.86
N ARG A 203 52.94 -18.75 -11.42
CA ARG A 203 51.65 -18.08 -11.43
C ARG A 203 51.27 -17.82 -12.88
N CYS A 204 50.07 -18.30 -13.22
CA CYS A 204 49.48 -18.16 -14.54
C CYS A 204 48.52 -16.96 -14.60
N TRP A 205 48.81 -15.99 -15.48
CA TRP A 205 48.13 -14.69 -15.55
C TRP A 205 47.23 -14.60 -16.78
N ALA A 206 45.99 -14.10 -16.59
CA ALA A 206 45.09 -13.79 -17.70
C ALA A 206 44.55 -12.39 -17.46
N LEU A 207 44.77 -11.49 -18.41
CA LEU A 207 44.41 -10.09 -18.21
C LEU A 207 43.56 -9.59 -19.38
N SER A 208 42.83 -8.52 -19.09
CA SER A 208 42.04 -7.77 -20.05
C SER A 208 41.15 -8.67 -20.91
N PHE A 209 40.37 -9.56 -20.28
CA PHE A 209 39.44 -10.36 -21.04
C PHE A 209 37.97 -9.97 -20.72
N TYR A 210 37.10 -10.13 -21.72
CA TYR A 210 35.65 -10.05 -21.60
C TYR A 210 35.01 -11.06 -22.54
N PRO A 211 33.92 -11.77 -22.17
CA PRO A 211 33.32 -11.77 -20.83
C PRO A 211 34.18 -12.34 -19.70
N ALA A 212 33.77 -12.16 -18.43
CA ALA A 212 34.46 -12.64 -17.23
C ALA A 212 34.56 -14.16 -17.14
N GLU A 213 33.60 -14.92 -17.69
CA GLU A 213 33.76 -16.37 -17.67
C GLU A 213 35.14 -16.80 -18.23
N ILE A 214 35.91 -17.50 -17.41
CA ILE A 214 37.17 -18.07 -17.84
C ILE A 214 37.48 -19.31 -16.99
N THR A 215 38.33 -20.24 -17.53
CA THR A 215 38.87 -21.36 -16.78
C THR A 215 40.39 -21.33 -16.89
N LEU A 216 41.06 -21.44 -15.75
CA LEU A 216 42.51 -21.56 -15.65
C LEU A 216 42.84 -22.84 -14.90
N THR A 217 43.56 -23.76 -15.55
CA THR A 217 43.86 -25.04 -14.92
C THR A 217 45.35 -25.33 -15.01
N TRP A 218 45.91 -25.80 -13.90
CA TRP A 218 47.29 -26.25 -13.86
C TRP A 218 47.35 -27.75 -14.10
N GLN A 219 48.50 -28.18 -14.66
CA GLN A 219 48.69 -29.52 -15.18
C GLN A 219 50.13 -29.98 -14.97
N ARG A 220 50.28 -31.10 -14.28
CA ARG A 220 51.58 -31.72 -14.14
C ARG A 220 51.54 -32.96 -15.00
N ASP A 221 52.46 -33.02 -15.98
CA ASP A 221 52.67 -34.23 -16.77
C ASP A 221 51.38 -34.61 -17.49
N GLY A 222 50.66 -33.61 -18.00
CA GLY A 222 49.45 -33.84 -18.75
C GLY A 222 48.26 -34.17 -17.87
N GLU A 223 48.47 -34.29 -16.55
CA GLU A 223 47.36 -34.60 -15.65
C GLU A 223 46.91 -33.35 -14.87
N ASP A 224 45.61 -33.31 -14.54
CA ASP A 224 44.95 -32.17 -13.95
C ASP A 224 45.41 -31.97 -12.50
N GLN A 225 45.91 -30.78 -12.17
CA GLN A 225 46.36 -30.50 -10.81
C GLN A 225 45.20 -30.02 -9.95
N THR A 226 45.15 -30.53 -8.73
CA THR A 226 44.18 -30.12 -7.72
C THR A 226 44.93 -29.85 -6.41
N GLN A 227 46.15 -30.41 -6.30
CA GLN A 227 47.07 -30.27 -5.17
C GLN A 227 48.03 -29.12 -5.46
N ASP A 228 48.36 -28.36 -4.41
CA ASP A 228 49.06 -27.05 -4.35
C ASP A 228 48.51 -25.96 -5.28
N THR A 229 47.21 -26.02 -5.71
CA THR A 229 46.76 -25.08 -6.76
C THR A 229 45.80 -24.05 -6.16
N GLU A 230 46.10 -22.76 -6.39
CA GLU A 230 45.41 -21.62 -5.83
C GLU A 230 44.92 -20.71 -6.96
N LEU A 231 43.59 -20.45 -6.98
CA LEU A 231 42.88 -19.68 -7.98
C LEU A 231 42.19 -18.51 -7.29
N VAL A 232 42.54 -17.26 -7.64
CA VAL A 232 41.86 -16.12 -7.04
C VAL A 232 40.52 -15.88 -7.73
N GLU A 233 39.71 -15.10 -7.04
CA GLU A 233 38.46 -14.56 -7.55
C GLU A 233 38.77 -13.75 -8.82
N THR A 234 38.06 -14.02 -9.91
CA THR A 234 38.09 -13.14 -11.06
C THR A 234 37.74 -11.71 -10.65
N ARG A 235 38.47 -10.73 -11.17
CA ARG A 235 38.46 -9.40 -10.57
C ARG A 235 38.36 -8.37 -11.70
N PRO A 236 37.55 -7.30 -11.53
CA PRO A 236 37.41 -6.31 -12.58
C PRO A 236 38.65 -5.42 -12.69
N ALA A 237 39.13 -5.17 -13.91
CA ALA A 237 40.21 -4.23 -14.10
C ALA A 237 39.73 -2.81 -13.82
N GLY A 238 38.60 -2.43 -14.41
CA GLY A 238 38.04 -1.11 -14.19
C GLY A 238 37.71 -0.42 -15.52
N ASP A 239 37.96 -1.11 -16.65
CA ASP A 239 37.79 -0.58 -18.00
C ASP A 239 36.86 -1.50 -18.79
N GLY A 240 36.05 -2.27 -18.07
CA GLY A 240 35.17 -3.27 -18.66
C GLY A 240 35.84 -4.61 -18.99
N THR A 241 37.11 -4.82 -18.58
CA THR A 241 37.75 -6.12 -18.76
C THR A 241 38.02 -6.71 -17.38
N PHE A 242 38.48 -7.97 -17.34
CA PHE A 242 38.67 -8.72 -16.10
C PHE A 242 40.04 -9.40 -16.09
N GLN A 243 40.45 -9.85 -14.91
CA GLN A 243 41.77 -10.47 -14.71
C GLN A 243 41.56 -11.67 -13.79
N LYS A 244 42.47 -12.65 -13.86
CA LYS A 244 42.45 -13.81 -12.97
C LYS A 244 43.83 -14.45 -13.03
N TRP A 245 44.29 -15.03 -11.91
CA TRP A 245 45.47 -15.84 -11.98
C TRP A 245 45.27 -17.13 -11.19
N ALA A 246 45.97 -18.20 -11.63
CA ALA A 246 46.15 -19.46 -10.89
C ALA A 246 47.64 -19.70 -10.61
N ALA A 247 47.92 -20.02 -9.35
CA ALA A 247 49.29 -20.34 -8.96
C ALA A 247 49.39 -21.81 -8.52
N VAL A 248 50.60 -22.35 -8.66
CA VAL A 248 50.94 -23.71 -8.27
C VAL A 248 52.37 -23.68 -7.73
N VAL A 249 52.56 -24.34 -6.57
CA VAL A 249 53.86 -24.56 -5.97
C VAL A 249 54.40 -25.88 -6.53
N VAL A 250 55.65 -25.83 -7.01
CA VAL A 250 56.30 -26.90 -7.76
C VAL A 250 57.68 -27.07 -7.17
N PRO A 251 58.25 -28.30 -7.22
CA PRO A 251 59.64 -28.52 -6.81
C PRO A 251 60.55 -27.86 -7.84
N SER A 252 61.63 -27.22 -7.34
CA SER A 252 62.61 -26.53 -8.17
C SER A 252 63.20 -27.50 -9.19
N GLY A 253 63.39 -27.00 -10.43
CA GLY A 253 63.90 -27.74 -11.57
C GLY A 253 62.85 -28.66 -12.19
N GLN A 254 61.60 -28.66 -11.67
CA GLN A 254 60.57 -29.45 -12.29
C GLN A 254 59.60 -28.58 -13.10
N GLU A 255 59.92 -27.29 -13.30
CA GLU A 255 58.92 -26.34 -13.78
C GLU A 255 58.31 -26.79 -15.09
N GLN A 256 59.15 -27.35 -15.97
CA GLN A 256 58.71 -27.72 -17.31
C GLN A 256 57.80 -28.95 -17.28
N ARG A 257 57.55 -29.51 -16.08
CA ARG A 257 56.55 -30.57 -15.94
C ARG A 257 55.13 -29.99 -15.97
N TYR A 258 55.04 -28.69 -15.70
CA TYR A 258 53.74 -28.09 -15.44
C TYR A 258 53.29 -27.17 -16.58
N THR A 259 52.08 -27.42 -17.05
CA THR A 259 51.39 -26.53 -17.98
C THR A 259 50.15 -25.88 -17.36
N CYS A 260 49.94 -24.62 -17.74
CA CYS A 260 48.73 -23.88 -17.46
C CYS A 260 47.84 -23.96 -18.70
N HIS A 261 46.51 -24.06 -18.49
CA HIS A 261 45.56 -24.21 -19.57
C HIS A 261 44.49 -23.14 -19.41
N VAL A 262 44.30 -22.36 -20.49
CA VAL A 262 43.41 -21.21 -20.49
C VAL A 262 42.28 -21.46 -21.46
N GLN A 263 41.04 -21.36 -20.95
CA GLN A 263 39.85 -21.48 -21.76
C GLN A 263 39.02 -20.21 -21.65
N HIS A 264 38.62 -19.68 -22.82
CA HIS A 264 37.82 -18.47 -22.85
C HIS A 264 37.15 -18.40 -24.20
N GLU A 265 36.03 -17.68 -24.26
CA GLU A 265 35.19 -17.62 -25.46
C GLU A 265 35.94 -17.06 -26.66
N GLY A 266 36.83 -16.08 -26.44
CA GLY A 266 37.53 -15.53 -27.59
C GLY A 266 38.83 -16.27 -27.93
N LEU A 267 38.99 -17.52 -27.43
CA LEU A 267 40.08 -18.35 -27.90
C LEU A 267 39.48 -19.55 -28.62
N PRO A 268 39.69 -19.69 -29.94
CA PRO A 268 39.14 -20.84 -30.68
C PRO A 268 39.63 -22.16 -30.08
N LYS A 269 40.94 -22.23 -29.78
CA LYS A 269 41.57 -23.35 -29.09
C LYS A 269 41.98 -22.86 -27.70
N PRO A 270 41.87 -23.67 -26.61
CA PRO A 270 42.58 -23.40 -25.36
C PRO A 270 44.08 -23.17 -25.52
N LEU A 271 44.64 -22.31 -24.64
CA LEU A 271 46.06 -22.01 -24.66
C LEU A 271 46.80 -22.91 -23.68
N THR A 272 47.91 -23.50 -24.15
CA THR A 272 48.81 -24.20 -23.26
C THR A 272 50.05 -23.32 -23.06
N LEU A 273 50.21 -22.76 -21.85
CA LEU A 273 51.39 -21.99 -21.49
C LEU A 273 52.39 -22.84 -20.69
N ARG A 274 53.67 -22.73 -21.08
CA ARG A 274 54.78 -23.33 -20.35
C ARG A 274 55.72 -22.24 -19.84
N TRP A 275 56.42 -22.54 -18.76
CA TRP A 275 57.52 -21.71 -18.33
C TRP A 275 58.81 -22.11 -19.07
N MET B 1 23.39 -16.98 11.05
CA MET B 1 23.87 -16.68 9.66
C MET B 1 25.39 -16.82 9.67
N ILE B 2 25.98 -17.12 8.50
CA ILE B 2 27.42 -17.24 8.37
C ILE B 2 27.99 -15.92 7.90
N GLN B 3 28.74 -15.28 8.80
CA GLN B 3 29.57 -14.14 8.46
C GLN B 3 30.76 -14.65 7.66
N ARG B 4 31.13 -13.93 6.60
CA ARG B 4 32.22 -14.33 5.73
C ARG B 4 33.26 -13.21 5.61
N THR B 5 34.53 -13.53 5.80
CA THR B 5 35.55 -12.50 5.77
C THR B 5 35.81 -12.08 4.32
N PRO B 6 36.14 -10.80 4.01
CA PRO B 6 36.48 -10.41 2.65
C PRO B 6 37.81 -10.99 2.13
N LYS B 7 37.80 -11.39 0.87
CA LYS B 7 39.03 -11.71 0.15
C LYS B 7 39.47 -10.42 -0.52
N ILE B 8 40.75 -10.03 -0.33
CA ILE B 8 41.25 -8.73 -0.73
C ILE B 8 42.32 -8.92 -1.79
N GLN B 9 42.28 -8.06 -2.83
CA GLN B 9 43.23 -8.03 -3.92
C GLN B 9 43.60 -6.61 -4.27
N VAL B 10 44.87 -6.24 -4.07
CA VAL B 10 45.36 -4.95 -4.51
C VAL B 10 46.12 -5.17 -5.81
N TYR B 11 45.84 -4.29 -6.80
CA TYR B 11 46.38 -4.43 -8.15
C TYR B 11 46.11 -3.15 -8.93
N SER B 12 46.80 -3.02 -10.06
CA SER B 12 46.63 -1.87 -10.93
C SER B 12 45.78 -2.26 -12.14
N ARG B 13 45.09 -1.28 -12.71
CA ARG B 13 44.19 -1.51 -13.84
C ARG B 13 44.97 -2.00 -15.06
N HIS B 14 46.04 -1.28 -15.41
CA HIS B 14 46.91 -1.62 -16.52
C HIS B 14 48.24 -2.10 -15.95
N PRO B 15 49.10 -2.86 -16.69
CA PRO B 15 50.46 -3.17 -16.22
C PRO B 15 51.16 -1.88 -15.79
N ALA B 16 51.83 -1.88 -14.63
CA ALA B 16 52.43 -0.68 -14.04
C ALA B 16 53.76 -0.27 -14.72
N GLU B 17 53.76 0.89 -15.39
CA GLU B 17 54.97 1.47 -15.97
C GLU B 17 55.30 2.74 -15.18
N ASN B 18 56.39 2.67 -14.41
CA ASN B 18 56.83 3.75 -13.53
C ASN B 18 56.87 5.07 -14.32
N GLY B 19 56.00 6.01 -13.97
CA GLY B 19 55.87 7.28 -14.67
C GLY B 19 54.81 7.28 -15.77
N LYS B 20 53.76 6.48 -15.60
CA LYS B 20 52.60 6.48 -16.47
C LYS B 20 51.34 6.36 -15.60
N SER B 21 50.35 7.21 -15.89
CA SER B 21 49.14 7.32 -15.09
C SER B 21 48.39 5.98 -15.10
N ASN B 22 47.99 5.50 -13.91
CA ASN B 22 47.29 4.22 -13.79
C ASN B 22 46.16 4.35 -12.77
N PHE B 23 45.46 3.23 -12.51
CA PHE B 23 44.47 3.15 -11.45
C PHE B 23 44.83 2.03 -10.49
N LEU B 24 44.77 2.34 -9.19
CA LEU B 24 44.97 1.38 -8.11
C LEU B 24 43.61 0.84 -7.67
N ASN B 25 43.40 -0.47 -7.82
CA ASN B 25 42.17 -1.14 -7.41
C ASN B 25 42.39 -1.96 -6.14
N CYS B 26 41.41 -1.90 -5.25
CA CYS B 26 41.35 -2.89 -4.20
C CYS B 26 39.99 -3.58 -4.27
N TYR B 27 39.95 -4.84 -4.69
CA TYR B 27 38.71 -5.51 -4.92
C TYR B 27 38.46 -6.42 -3.72
N VAL B 28 37.32 -6.22 -3.02
CA VAL B 28 36.99 -7.09 -1.91
C VAL B 28 35.74 -7.90 -2.29
N SER B 29 35.82 -9.21 -2.07
CA SER B 29 34.70 -10.03 -2.46
C SER B 29 34.52 -11.13 -1.41
N GLY B 30 33.42 -11.87 -1.53
CA GLY B 30 33.17 -13.04 -0.71
C GLY B 30 32.77 -12.71 0.73
N PHE B 31 32.43 -11.44 1.00
CA PHE B 31 32.11 -11.05 2.37
C PHE B 31 30.60 -11.02 2.67
N HIS B 32 30.28 -11.05 3.97
CA HIS B 32 28.93 -10.84 4.46
C HIS B 32 29.01 -10.62 5.95
N PRO B 33 28.31 -9.64 6.56
CA PRO B 33 27.40 -8.75 5.84
C PRO B 33 28.04 -7.66 4.98
N SER B 34 27.22 -6.71 4.53
CA SER B 34 27.57 -5.84 3.43
C SER B 34 28.45 -4.70 3.93
N ASP B 35 28.41 -4.42 5.24
CA ASP B 35 29.06 -3.23 5.78
C ASP B 35 30.55 -3.46 5.87
N ILE B 36 31.30 -2.55 5.29
CA ILE B 36 32.73 -2.74 5.15
C ILE B 36 33.41 -1.37 5.01
N GLU B 37 34.57 -1.20 5.67
CA GLU B 37 35.42 -0.03 5.53
C GLU B 37 36.65 -0.42 4.71
N VAL B 38 36.92 0.37 3.69
CA VAL B 38 38.03 0.09 2.81
C VAL B 38 38.80 1.39 2.55
N ASP B 39 40.13 1.34 2.69
CA ASP B 39 40.98 2.51 2.54
C ASP B 39 42.07 2.17 1.54
N LEU B 40 42.38 3.13 0.65
CA LEU B 40 43.57 3.01 -0.17
C LEU B 40 44.69 3.83 0.45
N LEU B 41 45.87 3.21 0.66
CA LEU B 41 47.00 3.80 1.37
C LEU B 41 48.13 4.12 0.42
N LYS B 42 48.67 5.35 0.59
CA LYS B 42 49.95 5.81 0.05
C LYS B 42 50.89 5.99 1.24
N ASN B 43 51.82 5.05 1.36
CA ASN B 43 52.79 4.98 2.45
C ASN B 43 52.10 4.98 3.80
N GLY B 44 51.15 4.06 3.99
CA GLY B 44 50.50 3.86 5.27
C GLY B 44 49.54 4.98 5.67
N GLU B 45 49.10 5.82 4.72
CA GLU B 45 48.09 6.83 5.05
C GLU B 45 46.98 6.90 3.99
N ARG B 46 45.76 7.25 4.44
CA ARG B 46 44.54 7.26 3.64
C ARG B 46 44.65 8.22 2.46
N ILE B 47 44.39 7.75 1.23
CA ILE B 47 44.09 8.63 0.09
C ILE B 47 42.63 9.10 0.15
N GLU B 48 42.39 10.36 -0.22
CA GLU B 48 41.12 11.03 0.07
C GLU B 48 40.07 10.75 -1.01
N LYS B 49 40.39 10.96 -2.29
CA LYS B 49 39.37 10.80 -3.33
C LYS B 49 39.37 9.35 -3.82
N VAL B 50 38.66 8.47 -3.11
CA VAL B 50 38.62 7.08 -3.53
C VAL B 50 37.19 6.74 -3.97
N GLU B 51 37.00 6.39 -5.25
CA GLU B 51 35.70 5.94 -5.72
C GLU B 51 35.46 4.45 -5.38
N HIS B 52 34.18 4.02 -5.44
CA HIS B 52 33.83 2.61 -5.30
C HIS B 52 32.64 2.21 -6.18
N SER B 53 32.57 0.92 -6.52
CA SER B 53 31.50 0.39 -7.35
C SER B 53 30.20 0.36 -6.57
N ASP B 54 29.08 0.07 -7.24
CA ASP B 54 27.81 -0.12 -6.54
C ASP B 54 27.72 -1.55 -6.02
N LEU B 55 27.38 -1.70 -4.73
CA LEU B 55 27.29 -2.99 -4.08
C LEU B 55 26.50 -3.99 -4.92
N SER B 56 27.09 -5.16 -5.17
CA SER B 56 26.42 -6.27 -5.83
C SER B 56 26.82 -7.57 -5.11
N PHE B 57 26.40 -8.74 -5.61
CA PHE B 57 26.73 -9.99 -4.94
C PHE B 57 26.77 -11.17 -5.91
N SER B 58 27.42 -12.26 -5.51
CA SER B 58 27.67 -13.46 -6.34
C SER B 58 26.54 -14.49 -6.14
N LYS B 59 26.57 -15.60 -6.90
CA LYS B 59 25.58 -16.65 -6.72
C LYS B 59 25.52 -17.13 -5.27
N ASP B 60 26.61 -17.05 -4.49
CA ASP B 60 26.56 -17.64 -3.15
C ASP B 60 25.98 -16.63 -2.16
N TRP B 61 25.59 -15.46 -2.66
CA TRP B 61 25.03 -14.33 -1.91
C TRP B 61 26.07 -13.35 -1.36
N SER B 62 27.34 -13.71 -1.36
CA SER B 62 28.40 -12.92 -0.77
C SER B 62 28.61 -11.68 -1.64
N PHE B 63 29.05 -10.59 -1.01
CA PHE B 63 29.11 -9.28 -1.63
C PHE B 63 30.48 -9.07 -2.23
N TYR B 64 30.58 -8.11 -3.16
CA TYR B 64 31.86 -7.70 -3.69
C TYR B 64 31.78 -6.21 -4.00
N LEU B 65 32.91 -5.50 -3.84
CA LEU B 65 33.01 -4.08 -4.15
C LEU B 65 34.41 -3.84 -4.71
N LEU B 66 34.48 -2.96 -5.72
CA LEU B 66 35.75 -2.44 -6.19
C LEU B 66 35.94 -1.02 -5.67
N TYR B 67 37.00 -0.78 -4.88
CA TYR B 67 37.42 0.58 -4.55
C TYR B 67 38.63 0.89 -5.40
N TYR B 68 38.61 2.07 -6.03
CA TYR B 68 39.61 2.42 -7.01
C TYR B 68 39.86 3.92 -6.99
N THR B 69 41.13 4.27 -7.23
CA THR B 69 41.56 5.64 -7.33
C THR B 69 42.52 5.80 -8.50
N GLU B 70 42.80 7.06 -8.84
CA GLU B 70 43.81 7.36 -9.82
C GLU B 70 45.15 7.57 -9.11
N PHE B 71 46.25 7.27 -9.82
CA PHE B 71 47.63 7.39 -9.33
C PHE B 71 48.66 7.13 -10.43
N THR B 72 49.84 7.73 -10.27
CA THR B 72 51.00 7.33 -11.05
C THR B 72 52.00 6.63 -10.13
N PRO B 73 52.42 5.38 -10.43
CA PRO B 73 53.36 4.66 -9.58
C PRO B 73 54.81 5.13 -9.73
N THR B 74 55.46 5.33 -8.57
CA THR B 74 56.88 5.62 -8.44
C THR B 74 57.60 4.36 -7.96
N GLU B 75 58.95 4.36 -8.00
CA GLU B 75 59.71 3.18 -7.64
C GLU B 75 59.67 2.95 -6.13
N LYS B 76 59.62 4.06 -5.37
CA LYS B 76 59.85 4.10 -3.93
C LYS B 76 58.54 4.05 -3.13
N ASP B 77 57.44 4.58 -3.69
CA ASP B 77 56.16 4.77 -3.00
C ASP B 77 55.38 3.46 -2.84
N GLU B 78 55.10 3.11 -1.57
CA GLU B 78 54.34 1.94 -1.14
C GLU B 78 52.83 2.20 -1.23
N TYR B 79 52.11 1.20 -1.74
CA TYR B 79 50.67 1.26 -1.82
C TYR B 79 50.06 0.00 -1.21
N ALA B 80 48.92 0.21 -0.55
CA ALA B 80 48.26 -0.87 0.16
C ALA B 80 46.76 -0.63 0.20
N CYS B 81 46.04 -1.63 0.73
CA CYS B 81 44.62 -1.50 0.93
C CYS B 81 44.30 -1.85 2.37
N ARG B 82 43.49 -1.02 3.03
CA ARG B 82 43.17 -1.21 4.42
C ARG B 82 41.68 -1.55 4.52
N VAL B 83 41.39 -2.74 5.05
CA VAL B 83 40.04 -3.25 5.10
C VAL B 83 39.67 -3.56 6.54
N ASN B 84 38.45 -3.20 6.93
CA ASN B 84 37.91 -3.60 8.22
C ASN B 84 36.46 -4.01 8.01
N HIS B 85 36.01 -4.95 8.85
CA HIS B 85 34.80 -5.70 8.62
C HIS B 85 34.54 -6.49 9.87
N VAL B 86 33.27 -6.71 10.18
CA VAL B 86 32.86 -7.30 11.43
C VAL B 86 33.59 -8.62 11.71
N THR B 87 34.14 -9.27 10.67
CA THR B 87 34.75 -10.58 10.81
C THR B 87 36.25 -10.52 11.12
N LEU B 88 36.83 -9.31 11.22
CA LEU B 88 38.25 -9.14 11.49
C LEU B 88 38.46 -8.62 12.92
N SER B 89 39.47 -9.18 13.59
CA SER B 89 39.89 -8.74 14.92
C SER B 89 40.51 -7.35 14.88
N GLN B 90 41.11 -6.98 13.75
CA GLN B 90 41.82 -5.73 13.59
C GLN B 90 41.85 -5.41 12.10
N PRO B 91 41.88 -4.12 11.67
CA PRO B 91 42.12 -3.76 10.27
C PRO B 91 43.19 -4.65 9.65
N LYS B 92 42.89 -5.14 8.45
CA LYS B 92 43.81 -5.96 7.67
C LYS B 92 44.33 -5.14 6.51
N ILE B 93 45.65 -5.19 6.30
CA ILE B 93 46.38 -4.44 5.29
C ILE B 93 47.02 -5.41 4.31
N VAL B 94 46.85 -5.14 3.02
CA VAL B 94 47.45 -5.96 1.97
C VAL B 94 48.24 -5.04 1.06
N LYS B 95 49.55 -5.33 0.91
CA LYS B 95 50.46 -4.46 0.17
C LYS B 95 50.23 -4.72 -1.31
N TRP B 96 50.35 -3.67 -2.14
CA TRP B 96 50.34 -3.82 -3.59
C TRP B 96 51.70 -4.33 -4.05
N ASP B 97 51.73 -5.49 -4.67
CA ASP B 97 52.94 -6.04 -5.27
C ASP B 97 52.72 -6.20 -6.77
N ARG B 98 53.41 -5.37 -7.56
CA ARG B 98 53.20 -5.36 -9.00
C ARG B 98 53.91 -6.55 -9.65
N ASP B 99 54.71 -7.30 -8.87
CA ASP B 99 55.56 -8.35 -9.39
C ASP B 99 54.90 -9.73 -9.31
N MET B 100 53.69 -9.79 -8.74
CA MET B 100 52.94 -11.02 -8.70
C MET B 100 52.92 -11.65 -10.09
N GLN C 3 -2.08 7.43 -8.57
CA GLN C 3 -3.34 6.57 -8.74
C GLN C 3 -4.54 7.31 -8.15
N THR C 4 -5.69 7.20 -8.81
CA THR C 4 -6.92 7.91 -8.46
C THR C 4 -8.12 7.20 -9.09
N VAL C 5 -9.29 7.47 -8.50
CA VAL C 5 -10.54 6.90 -8.94
C VAL C 5 -11.49 8.08 -9.22
N THR C 6 -12.35 7.93 -10.21
CA THR C 6 -13.27 8.99 -10.62
C THR C 6 -14.70 8.44 -10.70
N GLN C 7 -15.55 8.95 -9.81
CA GLN C 7 -16.99 8.90 -9.98
C GLN C 7 -17.50 10.29 -10.35
N SER C 8 -17.83 10.47 -11.63
CA SER C 8 -18.15 11.79 -12.17
C SER C 8 -19.54 12.29 -11.76
N GLN C 9 -20.44 11.42 -11.28
CA GLN C 9 -21.81 11.79 -10.94
C GLN C 9 -22.06 11.62 -9.44
N PRO C 10 -22.09 12.71 -8.63
CA PRO C 10 -22.25 12.61 -7.18
C PRO C 10 -23.63 12.07 -6.77
N GLU C 11 -24.61 12.29 -7.66
CA GLU C 11 -26.00 11.94 -7.37
C GLU C 11 -26.66 11.37 -8.60
N MET C 12 -27.55 10.39 -8.40
CA MET C 12 -28.28 9.78 -9.48
C MET C 12 -29.61 9.24 -8.96
N SER C 13 -30.61 9.20 -9.86
CA SER C 13 -31.94 8.68 -9.57
C SER C 13 -32.32 7.56 -10.52
N VAL C 14 -33.20 6.68 -10.05
CA VAL C 14 -33.71 5.61 -10.88
C VAL C 14 -35.15 5.36 -10.42
N GLN C 15 -36.03 4.97 -11.33
CA GLN C 15 -37.36 4.52 -10.95
C GLN C 15 -37.27 3.07 -10.49
N GLU C 16 -38.05 2.70 -9.47
CA GLU C 16 -38.11 1.36 -8.92
C GLU C 16 -38.38 0.33 -10.03
N ALA C 17 -37.69 -0.82 -9.93
CA ALA C 17 -37.74 -1.94 -10.87
C ALA C 17 -36.94 -1.68 -12.15
N GLU C 18 -36.50 -0.42 -12.35
CA GLU C 18 -35.70 -0.14 -13.53
C GLU C 18 -34.19 -0.28 -13.28
N THR C 19 -33.42 -0.13 -14.36
CA THR C 19 -31.98 -0.39 -14.36
C THR C 19 -31.23 0.93 -14.37
N VAL C 20 -30.09 0.97 -13.67
CA VAL C 20 -29.22 2.14 -13.61
C VAL C 20 -27.75 1.69 -13.60
N THR C 21 -26.86 2.57 -14.10
CA THR C 21 -25.45 2.29 -14.31
C THR C 21 -24.64 3.42 -13.69
N LEU C 22 -23.82 3.12 -12.68
CA LEU C 22 -22.96 4.14 -12.11
C LEU C 22 -21.56 4.07 -12.72
N SER C 23 -21.06 5.21 -13.21
CA SER C 23 -19.79 5.21 -13.90
C SER C 23 -18.64 5.22 -12.88
N CYS C 24 -17.46 4.77 -13.37
CA CYS C 24 -16.22 4.79 -12.59
C CYS C 24 -15.06 4.53 -13.52
N THR C 25 -14.12 5.48 -13.49
CA THR C 25 -12.84 5.35 -14.17
C THR C 25 -11.76 5.46 -13.11
N TYR C 26 -10.54 5.02 -13.48
CA TYR C 26 -9.41 5.02 -12.56
C TYR C 26 -8.13 5.25 -13.36
N ASP C 27 -7.08 5.70 -12.70
CA ASP C 27 -5.78 5.88 -13.30
C ASP C 27 -4.71 5.01 -12.60
N THR C 28 -3.83 4.37 -13.36
CA THR C 28 -2.76 3.59 -12.77
C THR C 28 -1.70 3.37 -13.83
N SER C 29 -0.43 3.21 -13.40
CA SER C 29 0.62 2.85 -14.34
C SER C 29 1.03 1.37 -14.23
N GLU C 30 0.13 0.48 -13.77
CA GLU C 30 0.56 -0.85 -13.36
C GLU C 30 -0.20 -1.89 -14.17
N ASN C 31 0.40 -3.04 -14.41
CA ASN C 31 -0.28 -4.07 -15.17
C ASN C 31 -1.30 -4.77 -14.28
N ASN C 32 -1.05 -4.90 -12.97
CA ASN C 32 -1.97 -5.72 -12.21
C ASN C 32 -2.48 -4.91 -11.02
N TYR C 33 -3.73 -5.13 -10.66
CA TYR C 33 -4.38 -4.34 -9.63
C TYR C 33 -5.78 -4.90 -9.41
N TYR C 34 -6.50 -4.33 -8.45
CA TYR C 34 -7.83 -4.83 -8.13
C TYR C 34 -8.81 -3.66 -8.00
N LEU C 35 -10.07 -3.90 -8.33
CA LEU C 35 -11.09 -2.86 -8.23
C LEU C 35 -12.27 -3.39 -7.42
N PHE C 36 -12.98 -2.43 -6.82
CA PHE C 36 -14.03 -2.81 -5.90
C PHE C 36 -15.18 -1.81 -6.00
N TRP C 37 -16.41 -2.29 -5.76
CA TRP C 37 -17.56 -1.47 -5.44
C TRP C 37 -18.01 -1.76 -4.02
N TYR C 38 -18.17 -0.69 -3.23
CA TYR C 38 -18.72 -0.79 -1.89
C TYR C 38 -20.07 -0.08 -1.88
N LYS C 39 -21.02 -0.68 -1.17
CA LYS C 39 -22.33 -0.08 -0.95
C LYS C 39 -22.36 0.46 0.47
N GLN C 40 -22.73 1.75 0.60
CA GLN C 40 -22.87 2.26 1.95
C GLN C 40 -24.32 2.67 2.18
N PRO C 41 -25.14 1.85 2.88
CA PRO C 41 -26.54 2.16 3.15
C PRO C 41 -26.53 3.20 4.28
N PRO C 42 -27.68 3.85 4.62
CA PRO C 42 -27.76 4.76 5.78
C PRO C 42 -27.22 4.29 7.14
N SER C 43 -27.07 2.97 7.34
CA SER C 43 -26.36 2.45 8.50
C SER C 43 -24.90 2.92 8.60
N ARG C 44 -24.35 3.38 7.46
CA ARG C 44 -22.97 3.83 7.30
C ARG C 44 -21.97 2.68 7.07
N GLN C 45 -22.40 1.42 7.18
CA GLN C 45 -21.48 0.31 6.97
C GLN C 45 -20.96 0.37 5.54
N MET C 46 -19.70 -0.03 5.36
CA MET C 46 -19.09 -0.20 4.07
C MET C 46 -19.19 -1.69 3.68
N ILE C 47 -20.02 -2.00 2.67
CA ILE C 47 -20.38 -3.38 2.37
C ILE C 47 -19.79 -3.69 1.01
N LEU C 48 -18.93 -4.71 0.93
CA LEU C 48 -18.31 -5.03 -0.35
C LEU C 48 -19.36 -5.72 -1.21
N VAL C 49 -19.49 -5.24 -2.46
CA VAL C 49 -20.50 -5.67 -3.42
C VAL C 49 -19.87 -6.35 -4.65
N ILE C 50 -18.77 -5.79 -5.18
CA ILE C 50 -18.10 -6.38 -6.35
C ILE C 50 -16.59 -6.39 -6.14
N ARG C 51 -15.94 -7.42 -6.67
CA ARG C 51 -14.49 -7.47 -6.63
C ARG C 51 -13.99 -7.83 -8.02
N GLN C 52 -12.80 -7.36 -8.38
CA GLN C 52 -12.28 -7.67 -9.70
C GLN C 52 -10.76 -7.63 -9.64
N GLU C 53 -10.11 -8.64 -10.22
CA GLU C 53 -8.66 -8.71 -10.37
C GLU C 53 -8.33 -8.39 -11.82
N ALA C 54 -7.32 -7.57 -12.04
CA ALA C 54 -7.03 -7.22 -13.41
C ALA C 54 -6.38 -8.36 -14.19
N TYR C 55 -5.33 -9.00 -13.64
CA TYR C 55 -4.79 -10.25 -14.18
C TYR C 55 -5.95 -11.24 -14.33
N LYS C 56 -5.85 -12.26 -15.19
CA LYS C 56 -6.88 -13.32 -15.24
C LYS C 56 -6.38 -14.41 -16.20
N ASN C 63 -28.16 -12.31 -10.58
CA ASN C 63 -27.64 -11.27 -9.65
C ASN C 63 -27.88 -9.87 -10.23
N ARG C 64 -28.51 -9.03 -9.43
CA ARG C 64 -28.94 -7.73 -9.93
C ARG C 64 -27.75 -6.81 -10.19
N PHE C 65 -26.60 -7.12 -9.56
CA PHE C 65 -25.44 -6.25 -9.64
C PHE C 65 -24.44 -6.81 -10.65
N SER C 66 -23.91 -5.96 -11.52
CA SER C 66 -22.98 -6.44 -12.53
C SER C 66 -21.95 -5.34 -12.84
N VAL C 67 -20.74 -5.71 -13.26
CA VAL C 67 -19.77 -4.70 -13.64
C VAL C 67 -19.40 -4.85 -15.11
N ASN C 68 -19.01 -3.74 -15.73
CA ASN C 68 -18.53 -3.77 -17.09
C ASN C 68 -17.04 -3.41 -17.04
N PHE C 69 -16.19 -4.42 -16.89
CA PHE C 69 -14.80 -4.14 -16.64
C PHE C 69 -14.11 -3.96 -17.98
N GLN C 70 -13.72 -2.72 -18.30
CA GLN C 70 -13.07 -2.43 -19.57
C GLN C 70 -11.64 -1.98 -19.31
N LYS C 71 -10.70 -2.93 -19.28
CA LYS C 71 -9.38 -2.68 -18.71
C LYS C 71 -8.64 -1.69 -19.62
N ALA C 72 -8.80 -1.82 -20.93
CA ALA C 72 -8.10 -0.93 -21.83
C ALA C 72 -8.62 0.50 -21.59
N ALA C 73 -9.94 0.65 -21.41
CA ALA C 73 -10.60 1.92 -21.16
C ALA C 73 -10.43 2.43 -19.71
N LYS C 74 -9.93 1.57 -18.80
CA LYS C 74 -9.83 1.88 -17.38
C LYS C 74 -11.18 2.35 -16.85
N SER C 75 -12.17 1.49 -17.07
CA SER C 75 -13.55 1.78 -16.76
C SER C 75 -14.13 0.57 -16.03
N PHE C 76 -15.00 0.83 -15.06
CA PHE C 76 -15.42 -0.20 -14.14
C PHE C 76 -16.81 0.15 -13.63
N SER C 77 -17.75 0.34 -14.57
CA SER C 77 -19.13 0.73 -14.28
C SER C 77 -19.90 -0.37 -13.52
N LEU C 78 -20.77 0.06 -12.60
CA LEU C 78 -21.61 -0.87 -11.88
C LEU C 78 -23.06 -0.73 -12.36
N LYS C 79 -23.66 -1.85 -12.74
CA LYS C 79 -25.03 -1.85 -13.23
C LYS C 79 -25.89 -2.52 -12.15
N ILE C 80 -26.95 -1.81 -11.75
CA ILE C 80 -27.95 -2.36 -10.88
C ILE C 80 -29.24 -2.47 -11.71
N SER C 81 -29.65 -3.72 -11.99
CA SER C 81 -30.92 -3.94 -12.65
C SER C 81 -31.98 -4.17 -11.58
N ASP C 82 -33.23 -3.91 -11.96
CA ASP C 82 -34.38 -4.29 -11.18
C ASP C 82 -34.26 -3.64 -9.80
N SER C 83 -33.92 -2.35 -9.80
CA SER C 83 -33.70 -1.63 -8.56
C SER C 83 -34.83 -1.82 -7.54
N GLN C 84 -34.45 -2.29 -6.34
CA GLN C 84 -35.25 -2.24 -5.13
C GLN C 84 -35.08 -0.90 -4.41
N LEU C 85 -35.97 -0.60 -3.44
CA LEU C 85 -35.86 0.62 -2.66
C LEU C 85 -34.69 0.46 -1.67
N GLY C 86 -34.42 -0.79 -1.30
CA GLY C 86 -33.24 -1.13 -0.51
C GLY C 86 -31.90 -0.80 -1.19
N ASP C 87 -31.91 -0.42 -2.47
CA ASP C 87 -30.67 -0.08 -3.15
C ASP C 87 -30.31 1.39 -2.94
N THR C 88 -31.19 2.14 -2.29
CA THR C 88 -30.87 3.52 -1.99
C THR C 88 -29.68 3.53 -1.03
N ALA C 89 -28.57 4.09 -1.52
CA ALA C 89 -27.28 4.00 -0.85
C ALA C 89 -26.30 4.94 -1.52
N MET C 90 -25.14 5.14 -0.88
CA MET C 90 -23.97 5.70 -1.52
C MET C 90 -23.08 4.55 -1.95
N TYR C 91 -22.68 4.58 -3.24
CA TYR C 91 -21.87 3.54 -3.86
C TYR C 91 -20.46 4.06 -4.12
N PHE C 92 -19.45 3.30 -3.65
CA PHE C 92 -18.08 3.74 -3.79
C PHE C 92 -17.31 2.78 -4.68
N CYS C 93 -16.53 3.36 -5.58
CA CYS C 93 -15.55 2.66 -6.38
C CYS C 93 -14.18 2.79 -5.72
N ALA C 94 -13.43 1.69 -5.64
CA ALA C 94 -12.17 1.71 -4.94
C ALA C 94 -11.10 0.98 -5.76
N PHE C 95 -9.88 1.51 -5.68
CA PHE C 95 -8.75 0.96 -6.42
C PHE C 95 -7.72 0.43 -5.43
N MET C 96 -7.12 -0.70 -5.79
CA MET C 96 -6.06 -1.31 -4.97
C MET C 96 -4.90 -1.79 -5.86
N GLY C 97 -3.69 -1.28 -5.63
CA GLY C 97 -2.55 -1.65 -6.44
C GLY C 97 -2.06 -3.06 -6.12
N TYR C 98 -1.12 -3.54 -6.95
CA TYR C 98 -0.47 -4.83 -6.80
C TYR C 98 0.91 -4.65 -6.20
N SER C 99 1.80 -3.94 -6.90
CA SER C 99 3.08 -3.57 -6.33
C SER C 99 3.29 -2.05 -6.30
N GLY C 100 2.56 -1.31 -7.18
CA GLY C 100 2.88 0.07 -7.47
C GLY C 100 2.15 1.04 -6.53
N ALA C 101 1.88 2.23 -7.07
CA ALA C 101 1.22 3.28 -6.29
C ALA C 101 -0.14 2.79 -5.75
N GLY C 102 -0.36 2.98 -4.45
CA GLY C 102 -1.63 2.57 -3.87
C GLY C 102 -1.80 1.04 -3.71
N SER C 103 -0.69 0.30 -3.79
CA SER C 103 -0.74 -1.10 -3.40
C SER C 103 -0.84 -1.20 -1.88
N TYR C 104 -1.45 -2.29 -1.38
CA TYR C 104 -1.67 -2.59 0.05
C TYR C 104 -2.66 -1.62 0.69
N GLN C 105 -3.57 -1.04 -0.11
CA GLN C 105 -4.56 -0.09 0.41
C GLN C 105 -5.62 0.13 -0.65
N LEU C 106 -6.70 0.83 -0.28
CA LEU C 106 -7.78 1.18 -1.18
C LEU C 106 -7.71 2.67 -1.36
N THR C 107 -7.90 3.13 -2.59
CA THR C 107 -8.13 4.53 -2.85
C THR C 107 -9.56 4.63 -3.36
N PHE C 108 -10.37 5.52 -2.78
CA PHE C 108 -11.78 5.56 -3.09
C PHE C 108 -12.09 6.66 -4.12
N GLY C 109 -13.16 6.47 -4.87
CA GLY C 109 -13.81 7.60 -5.55
C GLY C 109 -14.63 8.41 -4.55
N LYS C 110 -15.28 9.46 -5.06
CA LYS C 110 -15.98 10.44 -4.25
C LYS C 110 -17.39 9.95 -3.96
N GLY C 111 -17.81 8.91 -4.67
CA GLY C 111 -19.10 8.34 -4.32
C GLY C 111 -20.24 8.86 -5.20
N THR C 112 -21.24 8.00 -5.34
CA THR C 112 -22.49 8.34 -5.97
C THR C 112 -23.61 7.96 -5.02
N LYS C 113 -24.38 8.98 -4.59
CA LYS C 113 -25.60 8.79 -3.80
C LYS C 113 -26.73 8.43 -4.76
N LEU C 114 -27.15 7.16 -4.71
CA LEU C 114 -28.26 6.69 -5.54
C LEU C 114 -29.56 6.77 -4.74
N SER C 115 -30.56 7.41 -5.35
CA SER C 115 -31.92 7.44 -4.83
C SER C 115 -32.85 6.65 -5.73
N VAL C 116 -33.39 5.54 -5.21
CA VAL C 116 -34.40 4.77 -5.92
C VAL C 116 -35.80 5.33 -5.62
N ILE C 117 -36.54 5.66 -6.67
CA ILE C 117 -37.78 6.41 -6.54
C ILE C 117 -39.00 5.51 -6.81
N PRO C 118 -39.98 5.44 -5.87
CA PRO C 118 -41.18 4.61 -6.07
C PRO C 118 -42.19 5.37 -6.92
N ASN C 119 -43.08 4.59 -7.54
CA ASN C 119 -44.17 5.17 -8.26
C ASN C 119 -45.35 5.47 -7.31
N ILE C 120 -45.79 6.72 -7.30
CA ILE C 120 -46.97 7.02 -6.53
C ILE C 120 -48.20 6.64 -7.36
N GLN C 121 -48.79 5.50 -7.04
CA GLN C 121 -50.01 5.03 -7.67
C GLN C 121 -51.14 6.08 -7.75
N ASN C 122 -51.57 6.65 -6.61
CA ASN C 122 -52.62 7.66 -6.63
C ASN C 122 -52.12 8.93 -5.93
N PRO C 123 -51.44 9.87 -6.62
CA PRO C 123 -51.08 11.14 -5.99
C PRO C 123 -52.32 11.84 -5.45
N ASP C 124 -52.13 12.58 -4.35
CA ASP C 124 -53.16 13.30 -3.63
C ASP C 124 -52.50 14.36 -2.76
N PRO C 125 -51.84 15.37 -3.38
CA PRO C 125 -51.01 16.33 -2.65
C PRO C 125 -51.81 17.25 -1.74
N ALA C 126 -51.43 17.28 -0.45
CA ALA C 126 -52.21 17.99 0.56
C ALA C 126 -51.29 18.30 1.74
N VAL C 127 -51.59 19.43 2.41
CA VAL C 127 -50.94 19.96 3.60
C VAL C 127 -51.90 19.85 4.80
N TYR C 128 -51.38 19.29 5.88
CA TYR C 128 -52.11 19.01 7.10
C TYR C 128 -51.36 19.59 8.28
N GLN C 129 -52.14 20.13 9.21
CA GLN C 129 -51.63 20.66 10.45
C GLN C 129 -51.83 19.60 11.53
N LEU C 130 -50.75 19.09 12.09
CA LEU C 130 -50.82 18.18 13.23
C LEU C 130 -50.68 18.95 14.56
N ARG C 131 -51.28 18.44 15.64
CA ARG C 131 -51.10 19.13 16.92
C ARG C 131 -50.36 18.25 17.92
N ASP C 132 -49.56 18.86 18.80
CA ASP C 132 -48.81 18.09 19.80
C ASP C 132 -49.76 17.26 20.67
N SER C 133 -49.37 16.01 20.95
CA SER C 133 -50.09 15.14 21.86
C SER C 133 -50.11 15.73 23.27
N LYS C 134 -49.01 16.40 23.69
CA LYS C 134 -48.94 17.11 24.97
C LYS C 134 -49.57 18.47 24.78
N SER C 135 -50.35 18.97 25.74
CA SER C 135 -50.92 20.30 25.57
C SER C 135 -49.81 21.33 25.35
N SER C 136 -49.41 21.56 24.09
CA SER C 136 -48.21 22.35 23.82
C SER C 136 -48.44 23.60 22.98
N ASP C 137 -49.69 23.86 22.51
CA ASP C 137 -50.00 24.99 21.63
C ASP C 137 -49.00 25.01 20.45
N LYS C 138 -48.15 23.98 20.34
CA LYS C 138 -47.14 23.86 19.27
C LYS C 138 -47.73 22.99 18.18
N SER C 139 -47.30 23.21 16.95
CA SER C 139 -47.88 22.44 15.85
C SER C 139 -46.86 22.19 14.74
N VAL C 140 -47.19 21.26 13.84
CA VAL C 140 -46.34 20.89 12.74
C VAL C 140 -47.18 20.85 11.47
N CYS C 141 -46.54 21.12 10.31
CA CYS C 141 -47.20 21.05 9.02
C CYS C 141 -46.66 19.85 8.25
N LEU C 142 -47.56 19.02 7.73
CA LEU C 142 -47.17 17.86 6.96
C LEU C 142 -47.65 18.09 5.54
N PHE C 143 -46.72 18.04 4.59
CA PHE C 143 -47.10 18.04 3.19
C PHE C 143 -46.84 16.63 2.68
N THR C 144 -47.89 15.93 2.22
CA THR C 144 -47.76 14.51 1.93
C THR C 144 -48.58 14.11 0.72
N ASP C 145 -48.25 12.92 0.15
CA ASP C 145 -49.03 12.24 -0.89
C ASP C 145 -48.83 12.92 -2.25
N PHE C 146 -47.75 13.68 -2.41
CA PHE C 146 -47.47 14.29 -3.70
C PHE C 146 -46.66 13.31 -4.54
N ASP C 147 -46.66 13.49 -5.87
CA ASP C 147 -46.02 12.53 -6.76
C ASP C 147 -44.51 12.76 -6.72
N SER C 148 -43.80 11.76 -7.21
CA SER C 148 -42.36 11.74 -7.05
C SER C 148 -41.66 12.88 -7.79
N GLN C 149 -42.38 13.59 -8.67
CA GLN C 149 -41.77 14.62 -9.49
C GLN C 149 -41.73 15.92 -8.72
N THR C 150 -42.42 15.96 -7.57
CA THR C 150 -42.59 17.20 -6.83
C THR C 150 -41.31 17.47 -6.06
N ASN C 151 -40.74 18.67 -6.30
CA ASN C 151 -39.55 19.14 -5.59
C ASN C 151 -40.05 20.08 -4.50
N VAL C 152 -39.56 19.86 -3.26
CA VAL C 152 -40.00 20.60 -2.08
C VAL C 152 -39.10 21.82 -1.85
N SER C 153 -39.68 23.03 -2.00
CA SER C 153 -39.01 24.31 -1.81
C SER C 153 -38.19 24.31 -0.51
N GLN C 154 -37.08 25.04 -0.50
CA GLN C 154 -36.30 25.26 0.72
C GLN C 154 -36.87 26.48 1.44
N SER C 155 -36.68 26.54 2.76
CA SER C 155 -37.35 27.48 3.65
C SER C 155 -37.03 28.91 3.22
N LYS C 156 -38.06 29.69 2.90
CA LYS C 156 -37.88 31.09 2.51
C LYS C 156 -37.39 31.91 3.71
N ASP C 157 -38.07 31.77 4.85
CA ASP C 157 -37.71 32.45 6.08
C ASP C 157 -36.81 31.55 6.91
N SER C 158 -35.93 32.15 7.72
CA SER C 158 -35.02 31.41 8.58
C SER C 158 -35.71 31.00 9.90
N ASP C 159 -36.89 31.56 10.17
CA ASP C 159 -37.72 31.19 11.30
C ASP C 159 -38.53 29.93 11.02
N VAL C 160 -38.59 29.51 9.74
CA VAL C 160 -39.35 28.37 9.29
C VAL C 160 -38.39 27.27 8.81
N TYR C 161 -38.66 26.04 9.24
CA TYR C 161 -37.83 24.89 8.90
C TYR C 161 -38.64 23.95 8.03
N ILE C 162 -37.99 23.45 6.97
CA ILE C 162 -38.57 22.50 6.03
C ILE C 162 -37.60 21.36 5.73
N THR C 163 -38.06 20.11 5.85
CA THR C 163 -37.22 18.95 5.67
C THR C 163 -37.16 18.57 4.20
N ASP C 164 -36.25 17.66 3.83
CA ASP C 164 -36.27 17.03 2.51
C ASP C 164 -37.47 16.09 2.46
N LYS C 165 -37.74 15.52 1.29
CA LYS C 165 -38.81 14.57 1.09
C LYS C 165 -38.36 13.26 1.70
N CYS C 166 -39.31 12.36 1.94
CA CYS C 166 -39.00 11.10 2.58
C CYS C 166 -40.10 10.12 2.19
N VAL C 167 -39.73 8.91 1.75
CA VAL C 167 -40.74 7.98 1.26
C VAL C 167 -40.95 6.90 2.31
N LEU C 168 -42.21 6.72 2.72
CA LEU C 168 -42.56 5.63 3.64
C LEU C 168 -43.33 4.57 2.85
N ASP C 169 -43.20 3.32 3.30
CA ASP C 169 -43.73 2.18 2.61
C ASP C 169 -44.59 1.42 3.59
N MET C 170 -45.90 1.47 3.35
CA MET C 170 -46.83 0.74 4.19
C MET C 170 -47.00 -0.67 3.62
N ARG C 171 -46.04 -1.53 3.90
CA ARG C 171 -45.93 -2.81 3.21
C ARG C 171 -47.28 -3.51 3.21
N SER C 172 -47.91 -3.60 4.39
CA SER C 172 -49.22 -4.22 4.58
C SER C 172 -50.20 -3.90 3.44
N MET C 173 -50.23 -2.66 2.93
CA MET C 173 -51.25 -2.21 1.99
C MET C 173 -50.66 -1.90 0.61
N ASP C 174 -49.44 -2.42 0.33
CA ASP C 174 -48.68 -2.11 -0.87
C ASP C 174 -48.85 -0.62 -1.19
N PHE C 175 -48.42 0.24 -0.28
CA PHE C 175 -48.72 1.66 -0.45
C PHE C 175 -47.45 2.43 -0.14
N LYS C 176 -47.17 3.45 -0.97
CA LYS C 176 -46.03 4.32 -0.73
C LYS C 176 -46.43 5.79 -0.82
N SER C 177 -45.80 6.64 0.00
CA SER C 177 -46.17 8.03 -0.03
C SER C 177 -44.97 8.86 0.39
N ASN C 178 -44.81 10.02 -0.25
CA ASN C 178 -43.78 10.99 0.09
C ASN C 178 -44.33 11.94 1.18
N SER C 179 -43.44 12.52 1.99
CA SER C 179 -43.86 13.58 2.88
C SER C 179 -42.69 14.53 3.15
N ALA C 180 -43.04 15.79 3.46
CA ALA C 180 -42.09 16.64 4.16
C ALA C 180 -42.79 17.31 5.34
N VAL C 181 -42.01 17.89 6.25
CA VAL C 181 -42.52 18.46 7.46
C VAL C 181 -41.99 19.88 7.57
N ALA C 182 -42.81 20.78 8.15
CA ALA C 182 -42.43 22.17 8.32
C ALA C 182 -42.92 22.67 9.68
N TRP C 183 -42.01 23.21 10.48
CA TRP C 183 -42.44 23.87 11.70
C TRP C 183 -41.74 25.22 11.77
N SER C 184 -42.27 26.08 12.65
CA SER C 184 -41.69 27.39 12.89
C SER C 184 -41.60 27.65 14.38
N ASN C 185 -40.58 28.42 14.76
CA ASN C 185 -40.41 28.85 16.14
C ASN C 185 -41.42 29.96 16.44
N LYS C 186 -41.74 30.79 15.43
CA LYS C 186 -42.67 31.92 15.51
C LYS C 186 -44.07 31.48 15.94
N SER C 187 -44.73 32.29 16.77
CA SER C 187 -46.14 32.09 17.04
C SER C 187 -46.95 32.57 15.83
N ASP C 188 -48.18 32.02 15.68
CA ASP C 188 -49.17 32.39 14.68
C ASP C 188 -48.72 31.97 13.27
N PHE C 189 -48.09 30.81 13.16
CA PHE C 189 -47.60 30.33 11.89
C PHE C 189 -48.69 29.52 11.22
N ALA C 190 -48.96 29.82 9.95
CA ALA C 190 -50.00 29.14 9.20
C ALA C 190 -49.42 28.08 8.26
N CYS C 191 -50.00 26.88 8.39
CA CYS C 191 -49.61 25.68 7.66
C CYS C 191 -49.94 25.81 6.17
N ALA C 192 -51.01 26.54 5.87
CA ALA C 192 -51.50 26.74 4.51
C ALA C 192 -50.45 27.43 3.65
N ASN C 193 -49.64 28.31 4.26
CA ASN C 193 -48.63 29.10 3.56
C ASN C 193 -47.24 28.44 3.58
N ALA C 194 -47.04 27.40 4.41
CA ALA C 194 -45.74 26.83 4.72
C ALA C 194 -44.92 26.50 3.47
N PHE C 195 -45.52 25.84 2.48
CA PHE C 195 -44.78 25.21 1.39
C PHE C 195 -44.81 26.02 0.09
N ASN C 196 -45.57 27.15 0.07
CA ASN C 196 -45.74 28.01 -1.10
C ASN C 196 -44.42 28.72 -1.47
N ALA D 3 -16.34 -10.94 10.17
CA ALA D 3 -15.05 -10.18 9.98
C ALA D 3 -14.42 -9.81 11.34
N GLY D 4 -15.11 -8.99 12.15
CA GLY D 4 -14.74 -8.93 13.57
C GLY D 4 -13.86 -7.73 13.94
N ILE D 5 -14.33 -6.55 13.54
CA ILE D 5 -13.75 -5.30 13.98
C ILE D 5 -14.70 -4.72 15.01
N THR D 6 -14.15 -4.02 15.99
CA THR D 6 -14.94 -3.16 16.86
C THR D 6 -14.18 -1.86 17.07
N GLN D 7 -14.83 -0.73 16.80
CA GLN D 7 -14.24 0.57 17.05
C GLN D 7 -14.78 1.14 18.37
N SER D 8 -13.90 1.77 19.13
CA SER D 8 -14.18 2.31 20.45
C SER D 8 -13.59 3.70 20.50
N PRO D 9 -14.41 4.73 20.79
CA PRO D 9 -15.86 4.58 20.87
C PRO D 9 -16.57 4.70 19.52
N ARG D 10 -17.89 4.45 19.52
CA ARG D 10 -18.70 4.57 18.32
C ARG D 10 -19.17 6.02 18.14
N HIS D 11 -19.29 6.74 19.26
CA HIS D 11 -19.72 8.13 19.19
C HIS D 11 -18.87 8.94 20.17
N LYS D 12 -18.55 10.19 19.80
CA LYS D 12 -17.70 10.99 20.67
C LYS D 12 -17.93 12.47 20.38
N VAL D 13 -17.97 13.28 21.46
CA VAL D 13 -17.84 14.72 21.28
C VAL D 13 -16.63 15.20 22.07
N THR D 14 -15.83 16.07 21.45
CA THR D 14 -14.61 16.49 22.09
C THR D 14 -14.39 17.98 21.88
N GLU D 15 -13.94 18.63 22.96
CA GLU D 15 -13.67 20.06 22.94
C GLU D 15 -12.41 20.35 22.12
N THR D 16 -12.52 21.39 21.29
CA THR D 16 -11.41 21.90 20.52
C THR D 16 -10.19 22.08 21.42
N GLY D 17 -9.05 21.45 21.02
CA GLY D 17 -7.80 21.53 21.76
C GLY D 17 -7.60 20.38 22.76
N THR D 18 -8.62 19.57 22.99
CA THR D 18 -8.48 18.38 23.80
C THR D 18 -7.77 17.32 22.97
N PRO D 19 -7.06 16.36 23.59
CA PRO D 19 -6.64 15.15 22.88
C PRO D 19 -7.69 14.05 22.99
N VAL D 20 -7.83 13.24 21.92
CA VAL D 20 -8.78 12.15 21.85
C VAL D 20 -8.16 11.01 21.05
N THR D 21 -8.49 9.77 21.47
CA THR D 21 -7.97 8.59 20.78
C THR D 21 -9.13 7.72 20.30
N LEU D 22 -9.02 7.18 19.08
CA LEU D 22 -10.01 6.22 18.61
C LEU D 22 -9.32 4.85 18.58
N ARG D 23 -10.05 3.81 18.96
CA ARG D 23 -9.42 2.52 19.10
C ARG D 23 -10.05 1.59 18.09
N CYS D 24 -9.23 1.04 17.21
CA CYS D 24 -9.75 0.00 16.36
C CYS D 24 -9.20 -1.32 16.87
N HIS D 25 -10.11 -2.29 17.05
CA HIS D 25 -9.74 -3.58 17.60
C HIS D 25 -10.22 -4.68 16.66
N GLN D 26 -9.31 -5.61 16.36
CA GLN D 26 -9.60 -6.81 15.58
C GLN D 26 -9.35 -8.06 16.43
N THR D 27 -10.07 -9.14 16.09
CA THR D 27 -9.84 -10.46 16.67
C THR D 27 -9.07 -11.38 15.72
N GLU D 28 -8.70 -10.91 14.51
CA GLU D 28 -8.39 -11.77 13.38
C GLU D 28 -6.89 -12.05 13.28
N ASN D 29 -6.07 -11.27 13.98
CA ASN D 29 -4.62 -11.34 13.86
C ASN D 29 -4.13 -11.01 12.44
N HIS D 30 -4.79 -10.06 11.75
CA HIS D 30 -4.41 -9.68 10.41
C HIS D 30 -3.34 -8.58 10.44
N ARG D 31 -2.44 -8.68 9.47
CA ARG D 31 -1.27 -7.80 9.44
C ARG D 31 -1.62 -6.34 9.10
N TYR D 32 -2.60 -6.08 8.24
CA TYR D 32 -2.78 -4.74 7.70
C TYR D 32 -3.97 -4.03 8.34
N MET D 33 -3.73 -2.83 8.90
CA MET D 33 -4.83 -2.04 9.48
C MET D 33 -4.84 -0.63 8.91
N TYR D 34 -6.04 0.01 8.88
CA TYR D 34 -6.15 1.31 8.25
C TYR D 34 -7.09 2.19 9.07
N TRP D 35 -6.83 3.52 9.06
CA TRP D 35 -7.77 4.52 9.55
C TRP D 35 -8.05 5.48 8.39
N TYR D 36 -9.33 5.52 7.99
CA TYR D 36 -9.80 6.43 6.96
C TYR D 36 -10.79 7.37 7.63
N ARG D 37 -10.96 8.56 7.06
CA ARG D 37 -12.07 9.41 7.46
C ARG D 37 -12.98 9.68 6.24
N GLN D 38 -14.29 9.75 6.48
CA GLN D 38 -15.28 10.01 5.42
C GLN D 38 -15.84 11.41 5.60
N ASP D 39 -15.80 12.20 4.53
CA ASP D 39 -16.22 13.58 4.58
C ASP D 39 -16.92 13.91 3.28
N PRO D 40 -18.02 14.70 3.33
CA PRO D 40 -18.77 15.03 2.11
C PRO D 40 -17.83 15.64 1.08
N GLY D 41 -17.88 15.11 -0.16
CA GLY D 41 -17.08 15.66 -1.23
C GLY D 41 -15.65 15.09 -1.29
N HIS D 42 -15.31 14.10 -0.41
CA HIS D 42 -13.99 13.46 -0.47
C HIS D 42 -13.97 11.94 -0.38
N GLY D 43 -15.12 11.29 -0.35
CA GLY D 43 -15.13 9.85 -0.17
C GLY D 43 -14.52 9.46 1.17
N LEU D 44 -13.70 8.42 1.12
CA LEU D 44 -12.92 8.00 2.26
C LEU D 44 -11.49 8.31 1.91
N ARG D 45 -10.82 8.98 2.84
CA ARG D 45 -9.41 9.28 2.64
C ARG D 45 -8.62 8.66 3.78
N LEU D 46 -7.47 8.11 3.39
CA LEU D 46 -6.61 7.35 4.26
C LEU D 46 -5.86 8.33 5.16
N ILE D 47 -5.93 8.12 6.47
CA ILE D 47 -5.22 8.99 7.39
C ILE D 47 -3.83 8.42 7.68
N HIS D 48 -3.76 7.18 8.20
CA HIS D 48 -2.56 6.38 8.40
C HIS D 48 -2.87 4.89 8.17
N TYR D 49 -1.82 4.08 8.10
CA TYR D 49 -1.95 2.64 7.95
C TYR D 49 -0.80 1.94 8.67
N SER D 50 -0.89 0.63 8.74
CA SER D 50 0.10 -0.15 9.44
C SER D 50 0.21 -1.49 8.74
N TYR D 51 1.43 -1.80 8.28
CA TYR D 51 1.79 -3.03 7.60
C TYR D 51 2.22 -4.09 8.62
N GLY D 52 2.12 -3.79 9.92
CA GLY D 52 2.54 -4.74 10.93
C GLY D 52 2.88 -4.07 12.24
N VAL D 53 3.24 -4.86 13.23
CA VAL D 53 3.44 -4.35 14.58
C VAL D 53 4.53 -3.27 14.61
N LYS D 54 4.22 -2.13 15.22
CA LYS D 54 5.15 -1.02 15.33
C LYS D 54 5.53 -0.49 13.95
N ASP D 55 4.84 -0.94 12.89
CA ASP D 55 5.10 -0.41 11.56
C ASP D 55 3.88 0.37 11.08
N THR D 56 4.00 1.70 11.11
CA THR D 56 2.97 2.59 10.65
C THR D 56 3.56 3.61 9.68
N ASP D 57 2.76 4.05 8.69
CA ASP D 57 3.11 5.22 7.87
C ASP D 57 1.90 6.09 7.56
N LYS D 58 2.14 7.22 6.89
CA LYS D 58 1.19 8.31 6.68
C LYS D 58 0.34 8.09 5.43
N GLY D 59 -0.96 8.36 5.57
CA GLY D 59 -1.86 8.43 4.43
C GLY D 59 -1.85 9.84 3.85
N GLU D 60 -2.84 10.15 3.04
CA GLU D 60 -2.87 11.48 2.44
C GLU D 60 -3.44 12.54 3.40
N VAL D 61 -4.14 12.18 4.48
CA VAL D 61 -4.64 13.21 5.39
C VAL D 61 -4.03 13.06 6.78
N SER D 62 -2.72 12.80 6.80
CA SER D 62 -1.90 12.40 7.95
C SER D 62 -2.01 13.40 9.09
N ASP D 63 -1.93 14.69 8.73
CA ASP D 63 -1.50 15.74 9.64
C ASP D 63 -2.64 16.05 10.61
N GLY D 64 -2.27 16.22 11.88
CA GLY D 64 -3.19 16.35 12.99
C GLY D 64 -3.42 15.02 13.69
N TYR D 65 -2.93 13.91 13.08
CA TYR D 65 -3.23 12.59 13.61
C TYR D 65 -1.96 11.77 13.78
N SER D 66 -1.91 10.99 14.86
CA SER D 66 -0.84 10.05 15.13
C SER D 66 -1.51 8.69 15.24
N VAL D 67 -0.77 7.62 14.95
CA VAL D 67 -1.24 6.27 15.22
C VAL D 67 -0.24 5.48 16.06
N SER D 68 -0.68 4.36 16.65
CA SER D 68 0.21 3.47 17.38
C SER D 68 -0.21 2.02 17.17
N ARG D 69 0.79 1.13 16.97
CA ARG D 69 0.51 -0.27 16.72
C ARG D 69 1.32 -1.12 17.70
N SER D 70 1.07 -0.92 19.01
CA SER D 70 1.69 -1.63 20.12
C SER D 70 1.57 -3.14 19.93
N LYS D 71 0.32 -3.61 19.85
CA LYS D 71 0.05 -5.01 19.60
C LYS D 71 -0.57 -5.15 18.19
N THR D 72 -0.73 -6.41 17.74
CA THR D 72 -1.31 -6.70 16.44
C THR D 72 -2.79 -6.31 16.46
N GLU D 73 -3.45 -6.53 17.59
CA GLU D 73 -4.90 -6.51 17.66
C GLU D 73 -5.43 -5.07 17.64
N ASP D 74 -4.61 -4.07 17.93
CA ASP D 74 -5.12 -2.72 18.16
C ASP D 74 -4.34 -1.75 17.28
N PHE D 75 -5.10 -0.85 16.66
CA PHE D 75 -4.56 0.26 15.90
C PHE D 75 -5.26 1.50 16.43
N LEU D 76 -4.49 2.40 17.03
CA LEU D 76 -5.10 3.48 17.81
C LEU D 76 -4.88 4.75 16.99
N LEU D 77 -5.94 5.55 16.82
CA LEU D 77 -5.84 6.81 16.11
C LEU D 77 -5.84 7.91 17.16
N THR D 78 -4.86 8.81 17.14
CA THR D 78 -4.79 9.82 18.18
C THR D 78 -4.72 11.23 17.59
N LEU D 79 -5.57 12.12 18.11
CA LEU D 79 -5.55 13.54 17.75
C LEU D 79 -4.97 14.37 18.91
N GLU D 80 -3.70 14.78 18.86
CA GLU D 80 -3.06 15.61 19.88
C GLU D 80 -3.96 16.79 20.30
N SER D 81 -4.33 17.66 19.37
CA SER D 81 -5.08 18.85 19.70
C SER D 81 -6.25 18.97 18.72
N ALA D 82 -7.45 18.58 19.18
CA ALA D 82 -8.66 18.52 18.36
C ALA D 82 -8.95 19.84 17.65
N THR D 83 -9.23 19.75 16.36
CA THR D 83 -9.70 20.88 15.59
C THR D 83 -11.09 20.59 15.02
N SER D 84 -11.86 21.64 14.77
CA SER D 84 -13.18 21.46 14.19
C SER D 84 -13.11 20.74 12.84
N SER D 85 -12.02 20.93 12.09
CA SER D 85 -11.85 20.30 10.78
C SER D 85 -11.85 18.77 10.91
N GLN D 86 -11.66 18.25 12.16
CA GLN D 86 -11.56 16.82 12.40
C GLN D 86 -12.90 16.21 12.83
N THR D 87 -13.97 17.02 12.81
CA THR D 87 -15.34 16.51 12.78
C THR D 87 -15.49 15.65 11.52
N SER D 88 -15.62 14.35 11.73
CA SER D 88 -15.75 13.46 10.59
C SER D 88 -16.27 12.12 11.07
N VAL D 89 -16.42 11.20 10.13
CA VAL D 89 -16.75 9.80 10.42
C VAL D 89 -15.52 8.98 10.09
N TYR D 90 -15.08 8.21 11.08
CA TYR D 90 -13.77 7.55 11.07
C TYR D 90 -14.03 6.07 10.90
N PHE D 91 -13.29 5.48 9.92
CA PHE D 91 -13.46 4.07 9.60
C PHE D 91 -12.13 3.35 9.73
N CYS D 92 -12.17 2.25 10.44
CA CYS D 92 -11.04 1.36 10.55
C CYS D 92 -11.27 0.24 9.52
N ALA D 93 -10.17 -0.37 9.04
CA ALA D 93 -10.23 -1.46 8.06
C ALA D 93 -9.12 -2.46 8.36
N ILE D 94 -9.33 -3.71 7.95
CA ILE D 94 -8.50 -4.86 8.28
C ILE D 94 -8.27 -5.63 6.99
N SER D 95 -7.06 -6.16 6.79
CA SER D 95 -6.87 -7.03 5.64
C SER D 95 -5.81 -8.08 5.94
N GLU D 96 -5.99 -9.30 5.43
CA GLU D 96 -5.02 -10.35 5.61
C GLU D 96 -3.90 -10.23 4.56
N LEU D 97 -4.25 -10.23 3.26
CA LEU D 97 -3.22 -10.18 2.23
C LEU D 97 -3.30 -8.93 1.36
N VAL D 98 -4.36 -8.12 1.49
CA VAL D 98 -4.62 -7.03 0.56
C VAL D 98 -4.53 -7.46 -0.89
N THR D 99 -5.48 -8.30 -1.34
CA THR D 99 -5.72 -8.61 -2.75
C THR D 99 -7.23 -8.56 -3.06
N GLY D 100 -7.64 -8.94 -4.27
CA GLY D 100 -9.04 -9.19 -4.58
C GLY D 100 -9.71 -10.19 -3.63
N ASP D 101 -9.04 -11.29 -3.26
CA ASP D 101 -9.74 -12.35 -2.53
C ASP D 101 -9.52 -12.15 -1.04
N SER D 102 -8.62 -11.21 -0.70
CA SER D 102 -8.36 -10.88 0.69
C SER D 102 -8.56 -9.38 0.85
N PRO D 103 -9.82 -8.88 0.76
CA PRO D 103 -10.10 -7.45 0.65
C PRO D 103 -9.96 -6.75 1.99
N LEU D 104 -10.10 -5.41 1.99
CA LEU D 104 -10.24 -4.66 3.22
C LEU D 104 -11.65 -4.89 3.77
N HIS D 105 -11.72 -5.16 5.09
CA HIS D 105 -12.99 -5.24 5.79
C HIS D 105 -13.06 -4.05 6.72
N PHE D 106 -14.18 -3.30 6.60
CA PHE D 106 -14.32 -2.05 7.38
C PHE D 106 -15.05 -2.32 8.68
N GLY D 107 -14.69 -1.60 9.73
CA GLY D 107 -15.52 -1.50 10.92
C GLY D 107 -16.72 -0.59 10.65
N ASN D 108 -17.56 -0.37 11.68
CA ASN D 108 -18.86 0.27 11.50
C ASN D 108 -18.76 1.78 11.64
N GLY D 109 -17.59 2.29 12.02
CA GLY D 109 -17.38 3.73 11.97
C GLY D 109 -17.53 4.40 13.33
N THR D 110 -16.99 5.62 13.41
CA THR D 110 -17.06 6.43 14.61
C THR D 110 -17.39 7.87 14.21
N ARG D 111 -18.56 8.36 14.69
CA ARG D 111 -18.96 9.73 14.48
C ARG D 111 -18.33 10.56 15.60
N LEU D 112 -17.39 11.41 15.21
CA LEU D 112 -16.73 12.31 16.13
C LEU D 112 -17.00 13.76 15.72
N THR D 113 -17.51 14.56 16.66
CA THR D 113 -17.55 15.99 16.36
C THR D 113 -16.67 16.78 17.34
N VAL D 114 -15.96 17.80 16.80
CA VAL D 114 -15.11 18.61 17.65
C VAL D 114 -15.85 19.92 17.91
N THR D 115 -16.44 19.99 19.11
CA THR D 115 -17.17 21.18 19.48
C THR D 115 -16.17 22.20 20.02
N GLU D 116 -16.58 23.47 19.96
CA GLU D 116 -15.78 24.55 20.49
C GLU D 116 -15.84 24.58 22.03
N ASP D 117 -16.79 23.88 22.63
CA ASP D 117 -17.09 23.96 24.06
C ASP D 117 -18.08 22.88 24.45
N LEU D 118 -17.82 22.19 25.57
CA LEU D 118 -18.66 21.08 25.97
C LEU D 118 -20.07 21.54 26.35
N LYS D 119 -20.19 22.81 26.78
CA LYS D 119 -21.42 23.50 27.14
C LYS D 119 -22.37 23.57 25.94
N ASN D 120 -21.85 23.33 24.74
CA ASN D 120 -22.61 23.45 23.51
C ASN D 120 -23.44 22.19 23.28
N VAL D 121 -23.18 21.16 24.09
CA VAL D 121 -23.79 19.84 23.95
C VAL D 121 -25.12 19.84 24.69
N PHE D 122 -26.21 19.51 23.99
CA PHE D 122 -27.57 19.46 24.50
C PHE D 122 -28.26 18.16 24.09
N PRO D 123 -29.04 17.52 25.00
CA PRO D 123 -29.79 16.31 24.65
C PRO D 123 -31.04 16.77 23.89
N PRO D 124 -31.70 15.89 23.11
CA PRO D 124 -32.87 16.30 22.33
C PRO D 124 -34.09 16.45 23.22
N GLU D 125 -34.98 17.34 22.81
CA GLU D 125 -36.36 17.25 23.24
C GLU D 125 -37.14 16.56 22.11
N VAL D 126 -38.18 15.82 22.49
CA VAL D 126 -38.93 14.97 21.61
C VAL D 126 -40.41 15.27 21.82
N ALA D 127 -41.14 15.50 20.72
CA ALA D 127 -42.58 15.69 20.75
C ALA D 127 -43.26 14.88 19.64
N VAL D 128 -44.36 14.17 19.98
CA VAL D 128 -45.16 13.43 19.00
C VAL D 128 -46.35 14.30 18.60
N PHE D 129 -46.62 14.40 17.29
CA PHE D 129 -47.77 15.17 16.87
C PHE D 129 -48.87 14.24 16.33
N GLU D 130 -50.11 14.46 16.78
CA GLU D 130 -51.21 13.56 16.47
C GLU D 130 -51.69 13.79 15.04
N PRO D 131 -52.18 12.72 14.34
CA PRO D 131 -52.60 12.81 12.95
C PRO D 131 -53.75 13.80 12.79
N SER D 132 -53.69 14.61 11.73
CA SER D 132 -54.70 15.60 11.37
C SER D 132 -56.02 14.95 10.96
N GLU D 133 -57.09 15.40 11.61
CA GLU D 133 -58.43 14.94 11.28
C GLU D 133 -58.69 15.04 9.79
N ALA D 134 -58.33 16.15 9.17
CA ALA D 134 -58.60 16.25 7.74
C ALA D 134 -57.93 15.10 6.95
N GLU D 135 -56.77 14.58 7.41
CA GLU D 135 -56.05 13.55 6.67
C GLU D 135 -56.78 12.23 6.76
N ILE D 136 -57.31 11.94 7.95
CA ILE D 136 -58.05 10.71 8.15
C ILE D 136 -59.29 10.70 7.24
N SER D 137 -60.05 11.80 7.19
CA SER D 137 -61.29 11.75 6.43
C SER D 137 -61.02 11.89 4.93
N HIS D 138 -59.78 12.19 4.56
CA HIS D 138 -59.44 12.43 3.16
C HIS D 138 -58.78 11.20 2.53
N THR D 139 -58.09 10.37 3.32
CA THR D 139 -57.26 9.29 2.79
C THR D 139 -57.54 7.93 3.47
N GLN D 140 -58.16 7.91 4.66
CA GLN D 140 -58.42 6.69 5.42
C GLN D 140 -57.09 6.20 6.00
N LYS D 141 -56.12 7.10 6.12
CA LYS D 141 -54.85 6.84 6.78
C LYS D 141 -54.57 7.93 7.82
N ALA D 142 -53.64 7.66 8.74
CA ALA D 142 -53.22 8.63 9.74
C ALA D 142 -51.70 8.66 9.83
N THR D 143 -51.14 9.88 9.79
CA THR D 143 -49.69 10.04 9.89
C THR D 143 -49.36 10.73 11.20
N LEU D 144 -48.61 10.05 12.07
CA LEU D 144 -47.98 10.68 13.21
C LEU D 144 -46.64 11.29 12.78
N VAL D 145 -46.29 12.45 13.38
CA VAL D 145 -44.98 13.08 13.23
C VAL D 145 -44.33 13.17 14.61
N CYS D 146 -43.04 12.79 14.63
CA CYS D 146 -42.15 12.96 15.77
C CYS D 146 -41.11 14.03 15.42
N LEU D 147 -40.92 14.99 16.33
CA LEU D 147 -39.98 16.07 16.14
C LEU D 147 -39.02 16.09 17.32
N ALA D 148 -37.76 15.73 17.04
CA ALA D 148 -36.70 15.78 18.00
C ALA D 148 -35.90 17.03 17.68
N THR D 149 -35.73 17.90 18.69
CA THR D 149 -35.17 19.21 18.45
C THR D 149 -34.12 19.52 19.51
N GLY D 150 -33.26 20.49 19.17
CA GLY D 150 -32.36 21.14 20.09
C GLY D 150 -31.12 20.33 20.47
N PHE D 151 -30.86 19.18 19.83
CA PHE D 151 -29.72 18.34 20.23
C PHE D 151 -28.40 18.71 19.57
N TYR D 152 -27.29 18.42 20.26
CA TYR D 152 -25.96 18.57 19.69
C TYR D 152 -24.99 17.70 20.48
N PRO D 153 -24.13 16.87 19.84
CA PRO D 153 -24.01 16.81 18.37
C PRO D 153 -25.09 15.97 17.69
N ASP D 154 -25.10 15.88 16.35
CA ASP D 154 -26.11 15.10 15.64
C ASP D 154 -25.82 13.60 15.74
N HIS D 155 -25.73 13.08 16.97
CA HIS D 155 -25.48 11.67 17.19
C HIS D 155 -26.72 11.11 17.87
N VAL D 156 -27.73 10.73 17.09
CA VAL D 156 -28.98 10.20 17.63
C VAL D 156 -29.43 9.04 16.76
N GLU D 157 -30.29 8.16 17.32
CA GLU D 157 -31.06 7.17 16.57
C GLU D 157 -32.54 7.25 16.98
N LEU D 158 -33.42 7.56 16.02
CA LEU D 158 -34.85 7.66 16.21
C LEU D 158 -35.55 6.37 15.80
N SER D 159 -36.46 5.88 16.64
CA SER D 159 -37.17 4.65 16.36
C SER D 159 -38.61 4.79 16.87
N TRP D 160 -39.56 4.15 16.17
CA TRP D 160 -40.96 4.12 16.56
C TRP D 160 -41.29 2.77 17.20
N TRP D 161 -42.12 2.84 18.25
CA TRP D 161 -42.55 1.69 19.03
C TRP D 161 -44.08 1.67 19.15
N VAL D 162 -44.70 0.58 18.69
CA VAL D 162 -46.15 0.46 18.73
C VAL D 162 -46.50 -0.71 19.65
N ASN D 163 -47.20 -0.43 20.77
CA ASN D 163 -47.51 -1.43 21.79
C ASN D 163 -46.27 -2.22 22.18
N GLY D 164 -45.15 -1.51 22.45
CA GLY D 164 -43.93 -2.06 22.99
C GLY D 164 -43.07 -2.85 21.99
N LYS D 165 -43.46 -2.93 20.71
CA LYS D 165 -42.54 -3.44 19.69
C LYS D 165 -42.08 -2.33 18.73
N GLU D 166 -40.85 -2.42 18.25
CA GLU D 166 -40.36 -1.47 17.27
C GLU D 166 -41.06 -1.75 15.94
N VAL D 167 -41.37 -0.70 15.19
CA VAL D 167 -41.96 -0.94 13.87
C VAL D 167 -41.04 -0.31 12.84
N HIS D 168 -41.10 -0.83 11.61
CA HIS D 168 -40.39 -0.23 10.49
C HIS D 168 -41.35 0.14 9.36
N SER D 169 -42.33 -0.74 9.08
CA SER D 169 -43.34 -0.49 8.06
C SER D 169 -44.06 0.81 8.40
N GLY D 170 -44.19 1.72 7.42
CA GLY D 170 -44.99 2.94 7.54
C GLY D 170 -44.15 4.09 8.12
N VAL D 171 -42.86 3.81 8.29
CA VAL D 171 -41.95 4.75 8.91
C VAL D 171 -41.08 5.38 7.84
N CYS D 172 -40.75 6.67 8.02
CA CYS D 172 -39.59 7.20 7.33
C CYS D 172 -39.08 8.43 8.06
N THR D 173 -37.77 8.52 8.21
CA THR D 173 -37.12 9.52 9.06
C THR D 173 -36.22 10.36 8.17
N ASP D 174 -36.20 11.69 8.36
CA ASP D 174 -35.25 12.52 7.63
C ASP D 174 -33.93 11.78 7.47
N PRO D 175 -33.34 11.71 6.26
CA PRO D 175 -32.00 11.14 6.11
C PRO D 175 -30.94 11.90 6.91
N GLN D 176 -30.98 13.25 6.91
CA GLN D 176 -30.05 14.07 7.66
C GLN D 176 -30.83 15.01 8.57
N PRO D 177 -30.36 15.26 9.81
CA PRO D 177 -30.93 16.33 10.62
C PRO D 177 -30.72 17.71 10.01
N LEU D 178 -31.50 18.69 10.48
CA LEU D 178 -31.52 20.07 10.00
C LEU D 178 -30.84 20.91 11.06
N LYS D 179 -30.20 22.03 10.68
CA LYS D 179 -29.58 22.98 11.60
C LYS D 179 -30.62 24.03 11.97
N GLU D 180 -30.74 24.28 13.28
CA GLU D 180 -31.71 25.20 13.84
C GLU D 180 -31.20 26.62 13.66
N GLN D 181 -29.90 26.81 13.93
CA GLN D 181 -29.24 28.08 13.68
C GLN D 181 -28.08 27.85 12.72
N PRO D 182 -28.31 27.89 11.38
CA PRO D 182 -27.30 27.49 10.40
C PRO D 182 -26.03 28.34 10.42
N ALA D 183 -26.13 29.49 11.08
CA ALA D 183 -25.04 30.45 11.10
C ALA D 183 -24.04 30.13 12.21
N LEU D 184 -24.33 29.17 13.10
CA LEU D 184 -23.42 28.79 14.19
C LEU D 184 -22.60 27.56 13.78
N ASN D 185 -21.28 27.63 14.04
CA ASN D 185 -20.44 26.49 13.70
C ASN D 185 -20.93 25.30 14.53
N ASP D 186 -21.59 25.59 15.68
CA ASP D 186 -21.99 24.61 16.69
C ASP D 186 -23.52 24.66 16.92
N SER D 187 -24.26 25.03 15.88
CA SER D 187 -25.72 25.02 15.88
C SER D 187 -26.28 23.71 16.45
N ARG D 188 -27.41 23.81 17.18
CA ARG D 188 -28.11 22.62 17.62
C ARG D 188 -29.01 22.05 16.50
N TYR D 189 -29.29 20.75 16.59
CA TYR D 189 -29.93 20.05 15.49
C TYR D 189 -31.39 19.70 15.81
N ALA D 190 -32.15 19.52 14.73
CA ALA D 190 -33.55 19.09 14.69
C ALA D 190 -33.66 17.93 13.69
N LEU D 191 -34.61 17.01 13.92
CA LEU D 191 -34.81 15.82 13.10
C LEU D 191 -36.27 15.45 13.23
N SER D 192 -36.89 15.04 12.12
CA SER D 192 -38.27 14.63 12.15
C SER D 192 -38.44 13.26 11.52
N SER D 193 -39.54 12.60 11.84
CA SER D 193 -39.86 11.28 11.33
C SER D 193 -41.38 11.15 11.24
N ARG D 194 -41.88 10.33 10.30
CA ARG D 194 -43.31 10.05 10.24
C ARG D 194 -43.51 8.56 10.43
N LEU D 195 -44.61 8.22 11.11
CA LEU D 195 -45.15 6.87 11.13
C LEU D 195 -46.60 6.96 10.70
N ARG D 196 -46.98 6.11 9.73
CA ARG D 196 -48.30 6.19 9.14
C ARG D 196 -49.03 4.88 9.35
N VAL D 197 -50.25 4.99 9.84
CA VAL D 197 -51.04 3.78 10.05
C VAL D 197 -52.39 3.97 9.35
N SER D 198 -53.22 2.90 9.31
CA SER D 198 -54.61 3.06 8.84
C SER D 198 -55.39 3.93 9.81
N ALA D 199 -56.42 4.63 9.31
CA ALA D 199 -57.40 5.30 10.15
C ALA D 199 -57.89 4.36 11.25
N THR D 200 -58.26 3.13 10.88
CA THR D 200 -58.73 2.13 11.82
C THR D 200 -57.78 2.02 12.99
N PHE D 201 -56.49 1.88 12.67
CA PHE D 201 -55.49 1.57 13.66
C PHE D 201 -55.34 2.75 14.58
N TRP D 202 -55.38 3.97 14.02
CA TRP D 202 -55.11 5.12 14.85
C TRP D 202 -56.26 5.31 15.83
N GLN D 203 -57.49 5.01 15.35
CA GLN D 203 -58.71 5.35 16.06
C GLN D 203 -58.98 4.31 17.16
N ASN D 204 -58.15 3.27 17.21
CA ASN D 204 -58.33 2.23 18.20
C ASN D 204 -57.58 2.63 19.46
N PRO D 205 -58.28 2.91 20.58
CA PRO D 205 -57.64 3.47 21.77
C PRO D 205 -56.71 2.48 22.46
N ARG D 206 -56.75 1.20 22.06
CA ARG D 206 -55.86 0.18 22.61
C ARG D 206 -54.41 0.34 22.09
N ASN D 207 -54.21 1.17 21.06
CA ASN D 207 -52.91 1.23 20.41
C ASN D 207 -52.11 2.37 21.04
N HIS D 208 -50.85 2.06 21.38
CA HIS D 208 -49.89 2.96 21.99
C HIS D 208 -48.74 3.24 21.03
N PHE D 209 -48.44 4.53 20.84
CA PHE D 209 -47.41 4.96 19.92
C PHE D 209 -46.32 5.73 20.66
N ARG D 210 -45.06 5.27 20.54
CA ARG D 210 -43.94 5.93 21.18
C ARG D 210 -42.84 6.23 20.16
N CYS D 211 -42.41 7.50 20.13
CA CYS D 211 -41.21 7.90 19.42
C CYS D 211 -40.05 7.91 20.40
N GLN D 212 -38.97 7.17 20.10
CA GLN D 212 -37.79 7.04 20.95
C GLN D 212 -36.57 7.61 20.24
N VAL D 213 -35.87 8.54 20.90
CA VAL D 213 -34.66 9.11 20.33
C VAL D 213 -33.48 8.82 21.27
N GLN D 214 -32.64 7.88 20.85
CA GLN D 214 -31.39 7.56 21.54
C GLN D 214 -30.37 8.65 21.20
N PHE D 215 -29.72 9.14 22.24
CA PHE D 215 -28.81 10.26 22.14
C PHE D 215 -27.44 9.86 22.70
N TYR D 216 -26.39 10.29 21.99
CA TYR D 216 -25.02 10.05 22.42
C TYR D 216 -24.38 11.38 22.79
N GLY D 217 -24.01 11.48 24.07
CA GLY D 217 -23.54 12.72 24.70
C GLY D 217 -22.34 12.47 25.61
N LEU D 218 -22.14 13.31 26.63
CA LEU D 218 -20.93 13.22 27.40
C LEU D 218 -20.86 11.92 28.21
N SER D 219 -19.63 11.54 28.60
CA SER D 219 -19.39 10.34 29.42
C SER D 219 -19.30 10.66 30.91
N GLU D 220 -19.09 9.62 31.73
CA GLU D 220 -18.91 9.87 33.16
C GLU D 220 -17.61 10.64 33.37
N ASN D 221 -16.62 10.43 32.49
CA ASN D 221 -15.28 10.99 32.61
C ASN D 221 -15.19 12.43 32.09
N ASP D 222 -16.32 13.04 31.66
CA ASP D 222 -16.34 14.39 31.10
C ASP D 222 -16.77 15.36 32.19
N GLU D 223 -16.12 16.54 32.24
CA GLU D 223 -16.40 17.57 33.23
C GLU D 223 -17.75 18.23 32.94
N TRP D 224 -18.49 18.58 33.99
CA TRP D 224 -19.74 19.29 33.85
C TRP D 224 -19.92 20.23 35.04
N THR D 225 -19.89 21.55 34.76
CA THR D 225 -19.98 22.58 35.78
C THR D 225 -21.25 23.43 35.66
N GLN D 226 -22.11 23.10 34.70
CA GLN D 226 -23.28 23.91 34.40
C GLN D 226 -24.44 23.46 35.29
N ASP D 227 -25.40 24.37 35.50
CA ASP D 227 -26.54 24.09 36.36
C ASP D 227 -27.51 23.09 35.74
N ARG D 228 -27.70 23.15 34.40
CA ARG D 228 -28.59 22.19 33.74
C ARG D 228 -28.01 20.80 33.86
N ALA D 229 -28.87 19.79 33.79
CA ALA D 229 -28.41 18.43 33.97
C ALA D 229 -27.31 18.15 32.96
N LYS D 230 -26.40 17.23 33.29
CA LYS D 230 -25.31 16.86 32.41
C LYS D 230 -25.88 16.21 31.15
N PRO D 231 -25.48 16.69 29.94
CA PRO D 231 -26.00 16.15 28.69
C PRO D 231 -25.35 14.81 28.37
N VAL D 232 -25.68 13.82 29.23
CA VAL D 232 -25.17 12.46 29.19
C VAL D 232 -25.82 11.72 28.03
N THR D 233 -25.26 10.55 27.67
CA THR D 233 -25.92 9.60 26.78
C THR D 233 -27.25 9.19 27.42
N GLN D 234 -28.36 9.36 26.69
CA GLN D 234 -29.66 9.05 27.26
C GLN D 234 -30.67 8.74 26.16
N ILE D 235 -31.75 8.05 26.57
CA ILE D 235 -32.95 7.93 25.73
C ILE D 235 -33.99 9.01 26.12
N VAL D 236 -34.55 9.72 25.13
CA VAL D 236 -35.67 10.61 25.37
C VAL D 236 -36.79 10.13 24.44
N SER D 237 -38.07 10.21 24.91
CA SER D 237 -39.23 9.63 24.24
C SER D 237 -40.43 10.54 24.42
N ALA D 238 -41.32 10.52 23.42
CA ALA D 238 -42.63 11.14 23.52
C ALA D 238 -43.62 10.11 23.02
N GLU D 239 -44.88 10.21 23.44
CA GLU D 239 -45.84 9.14 23.13
C GLU D 239 -47.25 9.71 22.95
N ALA D 240 -48.10 8.85 22.36
CA ALA D 240 -49.50 9.17 22.10
C ALA D 240 -50.30 7.87 22.11
N TRP D 241 -51.53 7.95 22.63
CA TRP D 241 -52.51 6.88 22.55
C TRP D 241 -53.44 7.17 21.37
N GLY D 242 -53.90 6.08 20.70
CA GLY D 242 -55.04 6.14 19.81
C GLY D 242 -56.25 6.83 20.44
N ARG D 243 -57.04 7.51 19.57
CA ARG D 243 -58.16 8.36 19.91
C ARG D 243 -59.36 7.88 19.10
N ALA D 244 -60.50 7.72 19.77
CA ALA D 244 -61.73 7.28 19.13
C ALA D 244 -62.55 8.47 18.59
N HIS E 1 15.02 -3.90 -18.20
CA HIS E 1 13.61 -3.63 -17.77
C HIS E 1 13.26 -4.51 -16.56
N MET E 2 13.05 -3.89 -15.38
CA MET E 2 12.68 -4.61 -14.16
C MET E 2 11.28 -5.17 -14.28
N THR E 3 10.93 -6.02 -13.32
CA THR E 3 9.57 -6.51 -13.18
C THR E 3 8.75 -5.62 -12.23
N GLU E 4 7.42 -5.73 -12.36
CA GLU E 4 6.48 -5.17 -11.42
C GLU E 4 6.06 -6.27 -10.39
N VAL E 5 6.42 -7.53 -10.69
CA VAL E 5 5.83 -8.57 -9.87
C VAL E 5 6.67 -8.84 -8.62
N VAL E 6 6.41 -8.05 -7.56
CA VAL E 6 7.01 -8.29 -6.25
C VAL E 6 5.93 -8.09 -5.22
N ARG E 7 5.91 -8.92 -4.18
CA ARG E 7 4.85 -8.84 -3.18
C ARG E 7 5.47 -9.06 -1.81
N HIS E 8 4.88 -8.45 -0.77
CA HIS E 8 5.26 -8.66 0.61
C HIS E 8 5.38 -10.15 0.90
N CYS E 9 6.53 -10.56 1.49
CA CYS E 9 6.75 -11.97 1.81
C CYS E 9 5.95 -12.31 3.08
#